data_8DJ4
#
_entry.id   8DJ4
#
_entity_poly.entity_id   1
_entity_poly.type   'polypeptide(L)'
_entity_poly.pdbx_seq_one_letter_code
;GWTLNSAGYLLGPHAVGNHRSFSDKNGLTS(NH2)
;
_entity_poly.pdbx_strand_id   A
#
loop_
_chem_comp.id
_chem_comp.type
_chem_comp.name
_chem_comp.formula
NH2 non-polymer 'AMINO GROUP' 'H2 N'
#
# COMPACT_ATOMS: atom_id res chain seq x y z
N GLY A 1 -11.80 -5.34 8.51
CA GLY A 1 -12.09 -4.42 7.38
C GLY A 1 -10.87 -3.66 6.92
N TRP A 2 -10.58 -2.54 7.59
CA TRP A 2 -9.43 -1.69 7.26
C TRP A 2 -8.30 -1.93 8.21
N THR A 3 -7.18 -1.31 7.85
CA THR A 3 -5.97 -1.31 8.62
C THR A 3 -5.13 -0.14 8.20
N LEU A 4 -5.16 0.15 6.88
CA LEU A 4 -4.36 1.22 6.25
C LEU A 4 -3.76 2.20 7.26
N ASN A 5 -4.63 2.83 8.06
CA ASN A 5 -4.20 3.76 9.11
C ASN A 5 -3.74 3.00 10.36
N SER A 6 -4.70 2.28 10.98
CA SER A 6 -4.48 1.52 12.22
C SER A 6 -3.34 0.48 12.10
N ALA A 7 -3.62 -0.66 11.46
CA ALA A 7 -2.63 -1.73 11.31
C ALA A 7 -2.04 -1.84 9.89
N GLY A 8 -2.49 -0.97 8.96
CA GLY A 8 -2.02 -1.02 7.59
C GLY A 8 -0.90 -0.05 7.28
N TYR A 9 -0.49 0.70 8.30
CA TYR A 9 0.61 1.69 8.20
C TYR A 9 1.91 1.06 7.63
N LEU A 10 2.09 -0.24 7.89
CA LEU A 10 3.25 -1.01 7.43
C LEU A 10 2.85 -1.96 6.31
N LEU A 11 1.57 -2.36 6.33
CA LEU A 11 1.00 -3.30 5.36
C LEU A 11 0.59 -2.60 4.06
N GLY A 12 1.03 -3.18 2.94
CA GLY A 12 0.71 -2.61 1.63
C GLY A 12 0.50 -3.68 0.56
N PRO A 13 0.31 -3.29 -0.74
CA PRO A 13 0.11 -4.25 -1.84
C PRO A 13 1.40 -4.92 -2.30
N HIS A 14 1.26 -6.07 -2.97
CA HIS A 14 2.41 -6.83 -3.47
C HIS A 14 2.67 -6.53 -4.95
N ALA A 15 3.93 -6.67 -5.37
CA ALA A 15 4.33 -6.42 -6.75
C ALA A 15 4.40 -7.71 -7.55
N VAL A 16 3.70 -7.74 -8.69
CA VAL A 16 3.66 -8.92 -9.57
C VAL A 16 4.78 -8.87 -10.62
N GLY A 17 5.59 -9.93 -10.66
CA GLY A 17 6.69 -10.01 -11.61
C GLY A 17 8.05 -9.82 -10.94
N ASN A 18 8.06 -9.12 -9.79
CA ASN A 18 9.29 -8.86 -9.04
C ASN A 18 9.50 -9.90 -7.95
N HIS A 19 10.70 -10.49 -7.92
CA HIS A 19 11.05 -11.51 -6.93
C HIS A 19 12.01 -10.95 -5.89
N ARG A 20 11.90 -11.46 -4.66
CA ARG A 20 12.76 -11.02 -3.55
C ARG A 20 13.67 -12.15 -3.09
N SER A 21 14.86 -11.78 -2.59
CA SER A 21 15.84 -12.75 -2.11
C SER A 21 15.78 -12.89 -0.59
N PHE A 22 16.40 -13.96 -0.08
CA PHE A 22 16.43 -14.25 1.36
C PHE A 22 17.58 -13.48 2.06
N SER A 23 17.43 -13.26 3.37
CA SER A 23 18.43 -12.55 4.14
C SER A 23 19.40 -13.52 4.85
N ASP A 24 20.12 -14.28 4.03
CA ASP A 24 21.11 -15.26 4.52
C ASP A 24 22.36 -15.24 3.63
N LYS A 25 22.23 -14.65 2.43
CA LYS A 25 23.32 -14.56 1.48
C LYS A 25 24.07 -13.24 1.60
N ASN A 26 23.30 -12.15 1.76
CA ASN A 26 23.87 -10.80 1.89
C ASN A 26 23.61 -10.23 3.28
N GLY A 27 24.66 -9.71 3.90
CA GLY A 27 24.54 -9.14 5.24
C GLY A 27 25.73 -9.48 6.13
N LEU A 28 26.27 -8.46 6.80
CA LEU A 28 27.42 -8.64 7.69
C LEU A 28 26.96 -8.68 9.16
N THR A 29 27.66 -9.49 9.95
CA THR A 29 27.34 -9.64 11.37
C THR A 29 28.61 -9.68 12.22
N SER A 30 28.69 -8.79 13.22
CA SER A 30 29.85 -8.72 14.10
C SER A 30 29.56 -9.42 15.43
N NH2 A 31 28.43 -9.09 16.07
HN1 NH2 A 31 28.23 -9.53 16.92
HN2 NH2 A 31 27.86 -8.41 15.65
N GLY A 1 -13.43 -3.24 8.13
CA GLY A 1 -12.48 -4.08 7.36
C GLY A 1 -11.31 -3.29 6.83
N TRP A 2 -10.63 -2.57 7.72
CA TRP A 2 -9.47 -1.74 7.35
C TRP A 2 -8.31 -1.96 8.29
N THR A 3 -7.21 -1.35 7.90
CA THR A 3 -5.98 -1.35 8.66
C THR A 3 -5.15 -0.19 8.21
N LEU A 4 -5.19 0.10 6.88
CA LEU A 4 -4.39 1.15 6.22
C LEU A 4 -3.78 2.15 7.22
N ASN A 5 -4.65 2.79 8.02
CA ASN A 5 -4.21 3.75 9.05
C ASN A 5 -3.76 3.03 10.32
N SER A 6 -4.71 2.31 10.95
CA SER A 6 -4.47 1.59 12.21
C SER A 6 -3.34 0.54 12.12
N ALA A 7 -3.64 -0.61 11.50
CA ALA A 7 -2.68 -1.71 11.37
C ALA A 7 -2.10 -1.85 9.95
N GLY A 8 -2.50 -0.98 9.03
CA GLY A 8 -2.04 -1.04 7.65
C GLY A 8 -0.85 -0.14 7.35
N TYR A 9 -0.46 0.69 8.33
CA TYR A 9 0.68 1.63 8.23
C TYR A 9 1.94 0.97 7.61
N LEU A 10 2.17 -0.30 7.97
CA LEU A 10 3.30 -1.09 7.49
C LEU A 10 2.89 -1.91 6.25
N LEU A 11 1.62 -2.30 6.25
CA LEU A 11 1.01 -3.11 5.21
C LEU A 11 0.74 -2.32 3.92
N GLY A 12 1.21 -2.86 2.80
CA GLY A 12 1.04 -2.22 1.50
C GLY A 12 0.86 -3.21 0.37
N PRO A 13 1.16 -2.83 -0.91
CA PRO A 13 1.01 -3.74 -2.08
C PRO A 13 2.11 -4.81 -2.13
N HIS A 14 1.90 -5.81 -2.99
CA HIS A 14 2.86 -6.91 -3.16
C HIS A 14 3.85 -6.62 -4.30
N ALA A 15 3.35 -6.07 -5.41
CA ALA A 15 4.17 -5.74 -6.56
C ALA A 15 4.12 -4.25 -6.88
N VAL A 16 5.29 -3.62 -6.95
CA VAL A 16 5.40 -2.18 -7.24
C VAL A 16 5.47 -1.92 -8.74
N GLY A 17 4.56 -1.07 -9.23
CA GLY A 17 4.52 -0.74 -10.64
C GLY A 17 3.35 -1.41 -11.36
N ASN A 18 2.98 -2.61 -10.92
CA ASN A 18 1.88 -3.36 -11.52
C ASN A 18 0.60 -3.20 -10.70
N HIS A 19 -0.51 -2.96 -11.40
CA HIS A 19 -1.82 -2.77 -10.77
C HIS A 19 -2.85 -3.70 -11.39
N ARG A 20 -3.67 -4.32 -10.53
CA ARG A 20 -4.72 -5.25 -10.98
C ARG A 20 -6.07 -4.86 -10.38
N SER A 21 -7.06 -4.65 -11.26
CA SER A 21 -8.41 -4.28 -10.85
C SER A 21 -9.47 -5.14 -11.53
N PHE A 22 -9.17 -5.53 -12.77
CA PHE A 22 -10.06 -6.36 -13.58
C PHE A 22 -9.25 -7.38 -14.39
N SER A 23 -9.87 -8.54 -14.67
CA SER A 23 -9.20 -9.59 -15.44
C SER A 23 -9.54 -9.49 -16.93
N ASP A 24 -9.01 -8.42 -17.55
CA ASP A 24 -9.18 -8.18 -18.98
C ASP A 24 -7.88 -7.63 -19.60
N LYS A 25 -7.02 -7.06 -18.73
CA LYS A 25 -5.73 -6.51 -19.17
C LYS A 25 -4.57 -7.08 -18.35
N ASN A 26 -4.76 -7.16 -17.03
CA ASN A 26 -3.74 -7.68 -16.12
C ASN A 26 -4.31 -8.80 -15.25
N GLY A 27 -3.51 -9.85 -15.05
CA GLY A 27 -3.93 -10.98 -14.23
C GLY A 27 -3.17 -12.25 -14.57
N LEU A 28 -3.75 -13.08 -15.44
CA LEU A 28 -3.15 -14.33 -15.86
C LEU A 28 -3.11 -14.45 -17.38
N THR A 29 -1.93 -14.79 -17.91
CA THR A 29 -1.75 -14.94 -19.35
C THR A 29 -1.78 -16.40 -19.77
N SER A 30 -2.38 -16.68 -20.93
CA SER A 30 -2.49 -18.04 -21.46
C SER A 30 -1.43 -18.29 -22.53
N NH2 A 31 -0.52 -19.22 -22.26
HN1 NH2 A 31 0.18 -19.40 -22.92
HN2 NH2 A 31 -0.58 -19.68 -21.40
N GLY A 1 -13.65 -3.87 6.48
CA GLY A 1 -12.38 -4.17 7.19
C GLY A 1 -11.21 -3.34 6.67
N TRP A 2 -10.56 -2.62 7.59
CA TRP A 2 -9.42 -1.76 7.25
C TRP A 2 -8.27 -1.98 8.20
N THR A 3 -7.17 -1.35 7.83
CA THR A 3 -5.96 -1.33 8.61
C THR A 3 -5.12 -0.15 8.19
N LEU A 4 -5.15 0.14 6.86
CA LEU A 4 -4.35 1.23 6.24
C LEU A 4 -3.77 2.20 7.26
N ASN A 5 -4.65 2.83 8.06
CA ASN A 5 -4.23 3.75 9.11
C ASN A 5 -3.77 2.99 10.36
N SER A 6 -4.72 2.27 10.99
CA SER A 6 -4.48 1.52 12.22
C SER A 6 -3.34 0.48 12.10
N ALA A 7 -3.61 -0.66 11.46
CA ALA A 7 -2.61 -1.72 11.30
C ALA A 7 -2.03 -1.83 9.88
N GLY A 8 -2.48 -0.95 8.96
CA GLY A 8 -2.02 -0.99 7.58
C GLY A 8 -0.89 -0.03 7.28
N TYR A 9 -0.47 0.72 8.31
CA TYR A 9 0.64 1.70 8.22
C TYR A 9 1.93 1.06 7.65
N LEU A 10 2.09 -0.24 7.88
CA LEU A 10 3.24 -1.02 7.41
C LEU A 10 2.83 -1.99 6.30
N LEU A 11 1.55 -2.38 6.35
CA LEU A 11 0.97 -3.32 5.39
C LEU A 11 0.53 -2.62 4.10
N GLY A 12 0.98 -3.17 2.96
CA GLY A 12 0.64 -2.61 1.66
C GLY A 12 1.76 -1.74 1.09
N PRO A 13 2.75 -2.34 0.36
CA PRO A 13 3.88 -1.59 -0.23
C PRO A 13 3.48 -0.77 -1.47
N HIS A 14 2.22 -0.89 -1.87
CA HIS A 14 1.69 -0.17 -3.04
C HIS A 14 0.39 0.55 -2.70
N ALA A 15 0.36 1.87 -2.91
CA ALA A 15 -0.82 2.68 -2.63
C ALA A 15 -1.17 3.57 -3.83
N VAL A 16 -2.44 3.50 -4.25
CA VAL A 16 -2.94 4.28 -5.39
C VAL A 16 -3.16 5.75 -5.05
N GLY A 17 -3.77 5.97 -3.90
CA GLY A 17 -4.06 7.31 -3.40
C GLY A 17 -2.99 7.81 -2.46
N ASN A 18 -1.71 7.64 -2.85
CA ASN A 18 -0.58 8.08 -2.03
C ASN A 18 -0.18 9.53 -2.36
N HIS A 19 -0.21 9.88 -3.65
CA HIS A 19 0.14 11.23 -4.10
C HIS A 19 -1.12 12.06 -4.33
N ARG A 20 -1.13 13.28 -3.77
CA ARG A 20 -2.26 14.20 -3.90
C ARG A 20 -1.97 15.27 -4.95
N SER A 21 -2.93 15.46 -5.86
CA SER A 21 -2.79 16.44 -6.93
C SER A 21 -3.75 17.63 -6.71
N PHE A 22 -3.47 18.74 -7.40
CA PHE A 22 -4.29 19.96 -7.30
C PHE A 22 -5.48 19.91 -8.27
N SER A 23 -6.63 20.41 -7.83
CA SER A 23 -7.83 20.42 -8.67
C SER A 23 -7.95 21.73 -9.45
N ASP A 24 -7.13 21.83 -10.49
CA ASP A 24 -7.11 22.99 -11.39
C ASP A 24 -6.83 22.52 -12.82
N LYS A 25 -6.13 21.38 -12.95
CA LYS A 25 -5.81 20.81 -14.26
C LYS A 25 -6.08 19.30 -14.28
N ASN A 26 -6.52 18.81 -15.44
CA ASN A 26 -6.82 17.38 -15.61
C ASN A 26 -5.66 16.65 -16.30
N GLY A 27 -5.11 17.28 -17.34
CA GLY A 27 -4.00 16.69 -18.08
C GLY A 27 -4.41 16.18 -19.45
N LEU A 28 -3.70 15.17 -19.94
CA LEU A 28 -3.99 14.58 -21.25
C LEU A 28 -4.09 13.07 -21.16
N THR A 29 -5.01 12.49 -21.96
CA THR A 29 -5.27 11.02 -22.02
C THR A 29 -5.54 10.41 -20.64
N SER A 30 -6.80 10.05 -20.40
CA SER A 30 -7.22 9.46 -19.13
C SER A 30 -7.36 7.94 -19.26
N NH2 A 31 -6.53 7.21 -18.53
HN1 NH2 A 31 -6.60 6.24 -18.59
HN2 NH2 A 31 -5.89 7.67 -17.95
N GLY A 1 -12.18 -4.83 8.50
CA GLY A 1 -12.55 -3.95 7.37
C GLY A 1 -11.37 -3.17 6.83
N TRP A 2 -10.68 -2.46 7.73
CA TRP A 2 -9.51 -1.65 7.36
C TRP A 2 -8.36 -1.89 8.30
N THR A 3 -7.24 -1.30 7.91
CA THR A 3 -6.01 -1.31 8.66
C THR A 3 -5.15 -0.17 8.22
N LEU A 4 -5.20 0.11 6.89
CA LEU A 4 -4.38 1.15 6.23
C LEU A 4 -3.76 2.15 7.23
N ASN A 5 -4.62 2.80 8.02
CA ASN A 5 -4.16 3.75 9.04
C ASN A 5 -3.72 3.02 10.32
N SER A 6 -4.67 2.31 10.95
CA SER A 6 -4.44 1.59 12.20
C SER A 6 -3.34 0.52 12.11
N ALA A 7 -3.65 -0.63 11.49
CA ALA A 7 -2.70 -1.73 11.38
C ALA A 7 -2.12 -1.90 9.96
N GLY A 8 -2.51 -1.02 9.03
CA GLY A 8 -2.04 -1.11 7.65
C GLY A 8 -0.88 -0.18 7.33
N TYR A 9 -0.50 0.65 8.32
CA TYR A 9 0.62 1.61 8.21
C TYR A 9 1.89 0.99 7.60
N LEU A 10 2.15 -0.27 7.96
CA LEU A 10 3.30 -1.03 7.47
C LEU A 10 2.92 -1.89 6.26
N LEU A 11 1.64 -2.27 6.24
CA LEU A 11 1.04 -3.11 5.22
C LEU A 11 0.75 -2.34 3.93
N GLY A 12 1.24 -2.89 2.81
CA GLY A 12 1.03 -2.26 1.51
C GLY A 12 2.17 -2.54 0.54
N PRO A 13 2.20 -3.72 -0.15
CA PRO A 13 3.27 -4.08 -1.11
C PRO A 13 3.14 -3.35 -2.46
N HIS A 14 2.10 -2.52 -2.59
CA HIS A 14 1.86 -1.75 -3.81
C HIS A 14 2.18 -0.28 -3.59
N ALA A 15 2.69 0.37 -4.65
CA ALA A 15 3.05 1.79 -4.60
C ALA A 15 1.97 2.64 -5.25
N VAL A 16 1.36 3.54 -4.46
CA VAL A 16 0.30 4.44 -4.93
C VAL A 16 0.83 5.65 -5.67
N GLY A 17 1.86 6.25 -5.10
CA GLY A 17 2.49 7.43 -5.68
C GLY A 17 3.58 7.11 -6.69
N ASN A 18 3.41 6.00 -7.43
CA ASN A 18 4.37 5.57 -8.45
C ASN A 18 3.66 5.10 -9.70
N HIS A 19 4.11 5.62 -10.85
CA HIS A 19 3.53 5.26 -12.15
C HIS A 19 4.42 4.27 -12.89
N ARG A 20 3.80 3.25 -13.48
CA ARG A 20 4.53 2.22 -14.23
C ARG A 20 4.42 2.47 -15.73
N SER A 21 5.56 2.33 -16.43
CA SER A 21 5.61 2.53 -17.88
C SER A 21 5.58 1.20 -18.63
N PHE A 22 5.23 1.26 -19.92
CA PHE A 22 5.14 0.07 -20.76
C PHE A 22 6.44 -0.15 -21.57
N SER A 23 6.71 0.74 -22.52
CA SER A 23 7.91 0.65 -23.36
C SER A 23 9.05 1.51 -22.80
N ASP A 24 8.69 2.47 -21.93
CA ASP A 24 9.66 3.36 -21.30
C ASP A 24 10.17 2.78 -19.97
N LYS A 25 9.73 1.55 -19.65
CA LYS A 25 10.12 0.87 -18.42
C LYS A 25 11.34 -0.04 -18.67
N ASN A 26 12.21 -0.13 -17.65
CA ASN A 26 13.41 -0.96 -17.74
C ASN A 26 13.51 -1.90 -16.55
N GLY A 27 14.04 -3.10 -16.79
CA GLY A 27 14.20 -4.09 -15.73
C GLY A 27 15.47 -4.92 -15.89
N LEU A 28 16.50 -4.55 -15.14
CA LEU A 28 17.79 -5.25 -15.19
C LEU A 28 18.25 -5.62 -13.78
N THR A 29 18.86 -6.81 -13.67
CA THR A 29 19.35 -7.31 -12.39
C THR A 29 20.85 -7.09 -12.25
N SER A 30 21.61 -7.42 -13.31
CA SER A 30 23.06 -7.25 -13.32
C SER A 30 23.46 -5.99 -14.07
N NH2 A 31 24.06 -5.04 -13.35
HN1 NH2 A 31 24.32 -4.21 -13.82
HN2 NH2 A 31 24.23 -5.21 -12.40
N GLY A 1 -13.50 -3.10 8.20
CA GLY A 1 -12.56 -3.97 7.43
C GLY A 1 -11.38 -3.19 6.88
N TRP A 2 -10.69 -2.47 7.77
CA TRP A 2 -9.52 -1.67 7.38
C TRP A 2 -8.36 -1.90 8.32
N THR A 3 -7.25 -1.30 7.92
CA THR A 3 -6.02 -1.32 8.67
C THR A 3 -5.16 -0.17 8.22
N LEU A 4 -5.20 0.11 6.88
CA LEU A 4 -4.39 1.14 6.23
C LEU A 4 -3.75 2.13 7.21
N ASN A 5 -4.61 2.79 8.01
CA ASN A 5 -4.15 3.74 9.03
C ASN A 5 -3.71 3.02 10.31
N SER A 6 -4.67 2.31 10.95
CA SER A 6 -4.44 1.61 12.21
C SER A 6 -3.33 0.53 12.11
N ALA A 7 -3.65 -0.63 11.50
CA ALA A 7 -2.70 -1.73 11.39
C ALA A 7 -2.12 -1.90 9.97
N GLY A 8 -2.51 -1.03 9.04
CA GLY A 8 -2.04 -1.12 7.66
C GLY A 8 -0.89 -0.20 7.34
N TYR A 9 -0.51 0.64 8.32
CA TYR A 9 0.62 1.60 8.21
C TYR A 9 1.89 0.97 7.59
N LEU A 10 2.16 -0.28 7.97
CA LEU A 10 3.31 -1.04 7.49
C LEU A 10 2.92 -1.88 6.26
N LEU A 11 1.63 -2.24 6.25
CA LEU A 11 1.02 -3.06 5.21
C LEU A 11 0.70 -2.27 3.94
N GLY A 12 1.00 -0.96 3.95
CA GLY A 12 0.75 -0.11 2.80
C GLY A 12 1.94 0.79 2.47
N PRO A 13 2.96 0.27 1.73
CA PRO A 13 4.16 1.06 1.35
C PRO A 13 3.89 2.06 0.21
N HIS A 14 2.66 2.08 -0.30
CA HIS A 14 2.27 2.97 -1.37
C HIS A 14 0.97 3.70 -1.04
N ALA A 15 1.04 5.04 -1.01
CA ALA A 15 -0.12 5.88 -0.71
C ALA A 15 -0.28 6.99 -1.75
N VAL A 16 -1.44 6.99 -2.42
CA VAL A 16 -1.75 7.97 -3.47
C VAL A 16 -2.23 9.31 -2.91
N GLY A 17 -3.12 9.21 -1.94
CA GLY A 17 -3.69 10.39 -1.29
C GLY A 17 -2.87 10.88 -0.11
N ASN A 18 -1.54 10.75 -0.21
CA ASN A 18 -0.63 11.20 0.85
C ASN A 18 0.61 11.89 0.26
N HIS A 19 1.15 11.33 -0.81
CA HIS A 19 2.34 11.87 -1.48
C HIS A 19 1.94 12.69 -2.71
N ARG A 20 2.46 13.91 -2.78
CA ARG A 20 2.18 14.83 -3.90
C ARG A 20 3.47 15.42 -4.45
N SER A 21 3.49 15.63 -5.77
CA SER A 21 4.66 16.20 -6.45
C SER A 21 4.30 17.50 -7.16
N PHE A 22 5.34 18.31 -7.43
CA PHE A 22 5.16 19.61 -8.09
C PHE A 22 5.50 19.53 -9.59
N SER A 23 6.77 19.32 -9.92
CA SER A 23 7.23 19.22 -11.31
C SER A 23 7.28 17.77 -11.78
N ASP A 24 7.31 16.84 -10.82
CA ASP A 24 7.36 15.40 -11.11
C ASP A 24 5.94 14.82 -11.27
N LYS A 25 4.93 15.70 -11.26
CA LYS A 25 3.53 15.30 -11.41
C LYS A 25 3.09 15.35 -12.87
N ASN A 26 3.49 16.41 -13.58
CA ASN A 26 3.15 16.60 -14.99
C ASN A 26 4.40 16.69 -15.86
N GLY A 27 5.41 17.43 -15.39
CA GLY A 27 6.66 17.59 -16.12
C GLY A 27 7.29 18.94 -15.89
N LEU A 28 7.95 19.47 -16.93
CA LEU A 28 8.61 20.77 -16.86
C LEU A 28 8.17 21.67 -18.01
N THR A 29 8.10 22.98 -17.74
CA THR A 29 7.70 23.96 -18.74
C THR A 29 8.57 25.20 -18.67
N SER A 30 8.92 25.74 -19.84
CA SER A 30 9.76 26.94 -19.94
C SER A 30 8.91 28.18 -20.21
N NH2 A 31 8.92 29.11 -19.26
HN1 NH2 A 31 8.37 29.92 -19.40
HN2 NH2 A 31 9.46 28.95 -18.46
N GLY A 1 -13.49 -3.09 8.13
CA GLY A 1 -12.55 -3.95 7.36
C GLY A 1 -11.37 -3.17 6.83
N TRP A 2 -10.68 -2.46 7.73
CA TRP A 2 -9.51 -1.65 7.36
C TRP A 2 -8.36 -1.89 8.29
N THR A 3 -7.24 -1.30 7.91
CA THR A 3 -6.01 -1.31 8.66
C THR A 3 -5.15 -0.17 8.22
N LEU A 4 -5.20 0.11 6.89
CA LEU A 4 -4.38 1.15 6.23
C LEU A 4 -3.76 2.15 7.23
N ASN A 5 -4.62 2.80 8.02
CA ASN A 5 -4.16 3.75 9.04
C ASN A 5 -3.72 3.02 10.32
N SER A 6 -4.67 2.31 10.95
CA SER A 6 -4.44 1.59 12.20
C SER A 6 -3.34 0.52 12.11
N ALA A 7 -3.65 -0.63 11.49
CA ALA A 7 -2.70 -1.73 11.38
C ALA A 7 -2.12 -1.90 9.96
N GLY A 8 -2.52 -1.01 9.03
CA GLY A 8 -2.05 -1.10 7.65
C GLY A 8 -0.88 -0.18 7.33
N TYR A 9 -0.50 0.65 8.31
CA TYR A 9 0.62 1.61 8.21
C TYR A 9 1.89 0.99 7.60
N LEU A 10 2.15 -0.27 7.96
CA LEU A 10 3.30 -1.03 7.47
C LEU A 10 2.92 -1.89 6.26
N LEU A 11 1.64 -2.27 6.24
CA LEU A 11 1.04 -3.11 5.22
C LEU A 11 0.76 -2.35 3.93
N GLY A 12 1.22 -2.92 2.81
CA GLY A 12 1.02 -2.30 1.50
C GLY A 12 0.52 -3.29 0.45
N PRO A 13 0.71 -3.00 -0.87
CA PRO A 13 0.26 -3.90 -1.96
C PRO A 13 1.15 -5.12 -2.14
N HIS A 14 2.20 -5.22 -1.32
CA HIS A 14 3.14 -6.34 -1.38
C HIS A 14 2.83 -7.38 -0.31
N ALA A 15 3.13 -8.65 -0.60
CA ALA A 15 2.88 -9.75 0.33
C ALA A 15 4.16 -10.14 1.06
N VAL A 16 4.01 -10.53 2.33
CA VAL A 16 5.15 -10.95 3.17
C VAL A 16 5.47 -12.43 3.00
N GLY A 17 6.72 -12.72 2.67
CA GLY A 17 7.16 -14.10 2.46
C GLY A 17 7.37 -14.44 1.00
N ASN A 18 6.53 -13.86 0.13
CA ASN A 18 6.61 -14.10 -1.31
C ASN A 18 7.33 -12.96 -2.01
N HIS A 19 8.31 -13.31 -2.85
CA HIS A 19 9.09 -12.33 -3.60
C HIS A 19 8.71 -12.32 -5.08
N ARG A 20 8.51 -11.12 -5.62
CA ARG A 20 8.13 -10.95 -7.03
C ARG A 20 9.05 -9.95 -7.72
N SER A 21 9.47 -10.28 -8.94
CA SER A 21 10.36 -9.43 -9.73
C SER A 21 9.58 -8.69 -10.82
N PHE A 22 10.23 -7.69 -11.44
CA PHE A 22 9.61 -6.88 -12.49
C PHE A 22 9.89 -7.46 -13.89
N SER A 23 11.15 -7.33 -14.35
CA SER A 23 11.55 -7.82 -15.67
C SER A 23 12.13 -9.23 -15.60
N ASP A 24 12.40 -9.70 -14.37
CA ASP A 24 12.96 -11.03 -14.14
C ASP A 24 11.86 -12.10 -14.06
N LYS A 25 10.62 -11.65 -13.80
CA LYS A 25 9.46 -12.55 -13.70
C LYS A 25 8.27 -12.00 -14.47
N ASN A 26 7.52 -12.90 -15.11
CA ASN A 26 6.34 -12.52 -15.89
C ASN A 26 5.05 -12.76 -15.10
N GLY A 27 4.99 -13.92 -14.41
CA GLY A 27 3.82 -14.26 -13.62
C GLY A 27 3.20 -15.58 -14.03
N LEU A 28 1.89 -15.58 -14.26
CA LEU A 28 1.16 -16.79 -14.66
C LEU A 28 0.32 -16.54 -15.91
N THR A 29 -0.36 -15.38 -15.95
CA THR A 29 -1.21 -15.01 -17.09
C THR A 29 -1.03 -13.53 -17.46
N SER A 30 -1.04 -12.67 -16.44
CA SER A 30 -0.88 -11.22 -16.63
C SER A 30 0.55 -10.78 -16.33
N NH2 A 31 1.26 -10.30 -17.34
HN1 NH2 A 31 2.18 -10.02 -17.17
HN2 NH2 A 31 0.82 -10.24 -18.21
N GLY A 1 -13.77 -3.27 7.12
CA GLY A 1 -12.48 -4.00 7.25
C GLY A 1 -11.30 -3.21 6.73
N TRP A 2 -10.63 -2.50 7.64
CA TRP A 2 -9.47 -1.67 7.30
C TRP A 2 -8.33 -1.89 8.25
N THR A 3 -7.21 -1.31 7.87
CA THR A 3 -6.00 -1.31 8.64
C THR A 3 -5.14 -0.15 8.21
N LEU A 4 -5.17 0.14 6.89
CA LEU A 4 -4.36 1.19 6.24
C LEU A 4 -3.76 2.18 7.25
N ASN A 5 -4.62 2.81 8.04
CA ASN A 5 -4.18 3.75 9.09
C ASN A 5 -3.73 3.01 10.34
N SER A 6 -4.69 2.29 10.97
CA SER A 6 -4.47 1.55 12.21
C SER A 6 -3.34 0.50 12.10
N ALA A 7 -3.63 -0.65 11.48
CA ALA A 7 -2.65 -1.74 11.34
C ALA A 7 -2.08 -1.86 9.92
N GLY A 8 -2.50 -1.00 8.99
CA GLY A 8 -2.04 -1.06 7.61
C GLY A 8 -0.90 -0.11 7.30
N TYR A 9 -0.50 0.67 8.30
CA TYR A 9 0.61 1.66 8.19
C TYR A 9 1.90 1.02 7.61
N LEU A 10 2.13 -0.25 7.94
CA LEU A 10 3.28 -1.02 7.46
C LEU A 10 2.89 -1.93 6.30
N LEU A 11 1.60 -2.32 6.30
CA LEU A 11 1.02 -3.21 5.29
C LEU A 11 0.67 -2.49 3.98
N GLY A 12 0.83 -1.15 3.98
CA GLY A 12 0.53 -0.36 2.79
C GLY A 12 1.29 0.96 2.78
N PRO A 13 2.58 0.99 2.27
CA PRO A 13 3.39 2.22 2.21
C PRO A 13 2.93 3.17 1.10
N HIS A 14 3.28 4.46 1.26
CA HIS A 14 2.91 5.49 0.29
C HIS A 14 4.07 5.78 -0.68
N ALA A 15 3.72 6.20 -1.89
CA ALA A 15 4.71 6.52 -2.92
C ALA A 15 4.97 8.03 -3.00
N VAL A 16 6.18 8.38 -3.44
CA VAL A 16 6.58 9.79 -3.57
C VAL A 16 6.16 10.37 -4.93
N GLY A 17 5.46 11.50 -4.86
CA GLY A 17 4.98 12.17 -6.06
C GLY A 17 3.48 12.39 -6.01
N ASN A 18 2.84 11.90 -4.94
CA ASN A 18 1.40 12.03 -4.76
C ASN A 18 1.07 12.59 -3.37
N HIS A 19 0.06 13.47 -3.31
CA HIS A 19 -0.35 14.08 -2.05
C HIS A 19 -1.87 13.93 -1.85
N ARG A 20 -2.26 13.48 -0.66
CA ARG A 20 -3.66 13.28 -0.32
C ARG A 20 -4.00 13.96 1.01
N SER A 21 -5.21 14.53 1.08
CA SER A 21 -5.68 15.22 2.29
C SER A 21 -7.03 14.67 2.74
N PHE A 22 -7.35 14.91 4.02
CA PHE A 22 -8.61 14.44 4.61
C PHE A 22 -9.65 15.57 4.68
N SER A 23 -9.40 16.58 5.53
CA SER A 23 -10.31 17.71 5.70
C SER A 23 -9.90 18.89 4.81
N ASP A 24 -8.63 18.87 4.36
CA ASP A 24 -8.10 19.92 3.51
C ASP A 24 -8.35 19.62 2.02
N LYS A 25 -9.13 18.56 1.76
CA LYS A 25 -9.46 18.14 0.40
C LYS A 25 -10.78 18.77 -0.07
N ASN A 26 -11.78 18.79 0.82
CA ASN A 26 -13.09 19.36 0.52
C ASN A 26 -13.50 20.38 1.59
N GLY A 27 -14.15 21.46 1.16
CA GLY A 27 -14.59 22.50 2.07
C GLY A 27 -16.06 22.40 2.41
N LEU A 28 -16.38 22.49 3.70
CA LEU A 28 -17.76 22.39 4.18
C LEU A 28 -18.31 23.78 4.50
N THR A 29 -19.60 23.97 4.23
CA THR A 29 -20.29 25.24 4.48
C THR A 29 -21.07 25.21 5.80
N SER A 30 -21.03 26.32 6.53
CA SER A 30 -21.73 26.44 7.81
C SER A 30 -22.61 27.69 7.83
N NH2 A 31 -22.05 28.84 7.48
HN1 NH2 A 31 -22.60 29.65 7.50
HN2 NH2 A 31 -21.11 28.83 7.23
N GLY A 1 -13.57 -4.08 6.30
CA GLY A 1 -12.38 -4.15 7.20
C GLY A 1 -11.23 -3.32 6.69
N TRP A 2 -10.57 -2.60 7.61
CA TRP A 2 -9.43 -1.76 7.26
C TRP A 2 -8.28 -1.97 8.20
N THR A 3 -7.18 -1.34 7.84
CA THR A 3 -5.96 -1.33 8.61
C THR A 3 -5.13 -0.15 8.19
N LEU A 4 -5.15 0.15 6.87
CA LEU A 4 -4.36 1.23 6.24
C LEU A 4 -3.77 2.20 7.26
N ASN A 5 -4.65 2.83 8.06
CA ASN A 5 -4.23 3.75 9.11
C ASN A 5 -3.77 2.99 10.36
N SER A 6 -4.72 2.28 11.00
CA SER A 6 -4.48 1.52 12.22
C SER A 6 -3.33 0.49 12.09
N ALA A 7 -3.61 -0.66 11.46
CA ALA A 7 -2.62 -1.73 11.30
C ALA A 7 -2.04 -1.82 9.88
N GLY A 8 -2.48 -0.95 8.96
CA GLY A 8 -2.03 -1.00 7.58
C GLY A 8 -0.89 -0.03 7.28
N TYR A 9 -0.48 0.71 8.31
CA TYR A 9 0.63 1.70 8.21
C TYR A 9 1.93 1.06 7.64
N LEU A 10 2.09 -0.24 7.89
CA LEU A 10 3.25 -1.02 7.42
C LEU A 10 2.83 -1.98 6.31
N LEU A 11 1.56 -2.38 6.33
CA LEU A 11 0.98 -3.32 5.38
C LEU A 11 0.56 -2.63 4.09
N GLY A 12 0.98 -3.20 2.95
CA GLY A 12 0.65 -2.64 1.65
C GLY A 12 1.89 -2.19 0.88
N PRO A 13 2.74 -3.13 0.37
CA PRO A 13 3.97 -2.79 -0.39
C PRO A 13 3.68 -2.34 -1.83
N HIS A 14 2.41 -2.34 -2.21
CA HIS A 14 1.98 -1.93 -3.56
C HIS A 14 1.49 -0.48 -3.57
N ALA A 15 1.79 0.23 -4.66
CA ALA A 15 1.38 1.62 -4.82
C ALA A 15 0.62 1.83 -6.12
N VAL A 16 -0.56 2.46 -6.01
CA VAL A 16 -1.42 2.73 -7.16
C VAL A 16 -1.10 4.08 -7.79
N GLY A 17 -0.83 4.08 -9.10
CA GLY A 17 -0.50 5.30 -9.82
C GLY A 17 0.98 5.42 -10.15
N ASN A 18 1.82 4.71 -9.38
CA ASN A 18 3.27 4.73 -9.58
C ASN A 18 3.73 3.58 -10.49
N HIS A 19 3.15 2.39 -10.29
CA HIS A 19 3.48 1.21 -11.08
C HIS A 19 2.44 0.97 -12.18
N ARG A 20 2.92 0.85 -13.43
CA ARG A 20 2.05 0.62 -14.57
C ARG A 20 2.57 -0.54 -15.43
N SER A 21 1.62 -1.29 -16.01
CA SER A 21 1.97 -2.43 -16.86
C SER A 21 1.86 -2.08 -18.34
N PHE A 22 2.43 -2.93 -19.20
CA PHE A 22 2.42 -2.73 -20.66
C PHE A 22 1.11 -3.25 -21.28
N SER A 23 0.71 -2.63 -22.39
CA SER A 23 -0.52 -3.02 -23.08
C SER A 23 -0.26 -4.05 -24.18
N ASP A 24 0.04 -5.28 -23.74
CA ASP A 24 0.30 -6.41 -24.64
C ASP A 24 -0.29 -7.69 -24.04
N LYS A 25 -0.40 -7.71 -22.71
CA LYS A 25 -0.95 -8.87 -21.98
C LYS A 25 -1.96 -8.42 -20.93
N ASN A 26 -1.62 -7.36 -20.18
CA ASN A 26 -2.48 -6.82 -19.13
C ASN A 26 -3.23 -5.60 -19.62
N GLY A 27 -4.47 -5.44 -19.13
CA GLY A 27 -5.30 -4.31 -19.52
C GLY A 27 -6.04 -3.70 -18.34
N LEU A 28 -5.31 -2.95 -17.51
CA LEU A 28 -5.90 -2.30 -16.34
C LEU A 28 -6.16 -0.82 -16.61
N THR A 29 -7.28 -0.31 -16.04
CA THR A 29 -7.72 1.10 -16.17
C THR A 29 -7.81 1.55 -17.64
N SER A 30 -9.05 1.70 -18.12
CA SER A 30 -9.31 2.13 -19.49
C SER A 30 -9.65 3.62 -19.56
N NH2 A 31 -10.60 4.05 -18.72
HN1 NH2 A 31 -10.83 5.00 -18.74
HN2 NH2 A 31 -11.02 3.41 -18.13
N GLY A 1 -13.13 -4.56 6.34
CA GLY A 1 -12.09 -4.42 7.40
C GLY A 1 -10.87 -3.67 6.94
N TRP A 2 -10.59 -2.54 7.60
CA TRP A 2 -9.44 -1.70 7.26
C TRP A 2 -8.30 -1.92 8.22
N THR A 3 -7.18 -1.31 7.85
CA THR A 3 -5.97 -1.31 8.62
C THR A 3 -5.13 -0.14 8.20
N LEU A 4 -5.16 0.15 6.88
CA LEU A 4 -4.36 1.22 6.25
C LEU A 4 -3.76 2.20 7.26
N ASN A 5 -4.64 2.83 8.06
CA ASN A 5 -4.21 3.76 9.11
C ASN A 5 -3.75 3.00 10.36
N SER A 6 -4.70 2.28 10.98
CA SER A 6 -4.48 1.52 12.22
C SER A 6 -3.34 0.48 12.10
N ALA A 7 -3.61 -0.66 11.46
CA ALA A 7 -2.63 -1.73 11.31
C ALA A 7 -2.04 -1.84 9.89
N GLY A 8 -2.49 -0.97 8.97
CA GLY A 8 -2.02 -1.02 7.59
C GLY A 8 -0.90 -0.06 7.28
N TYR A 9 -0.49 0.70 8.30
CA TYR A 9 0.62 1.69 8.20
C TYR A 9 1.92 1.06 7.63
N LEU A 10 2.09 -0.23 7.90
CA LEU A 10 3.25 -1.01 7.43
C LEU A 10 2.85 -1.97 6.30
N LEU A 11 1.57 -2.36 6.33
CA LEU A 11 0.99 -3.30 5.36
C LEU A 11 0.60 -2.60 4.06
N GLY A 12 1.04 -3.17 2.94
CA GLY A 12 0.72 -2.60 1.63
C GLY A 12 0.38 -3.67 0.59
N PRO A 13 0.48 -3.36 -0.75
CA PRO A 13 0.18 -4.33 -1.81
C PRO A 13 1.28 -5.37 -2.01
N HIS A 14 0.87 -6.61 -2.36
CA HIS A 14 1.79 -7.74 -2.60
C HIS A 14 2.55 -8.13 -1.33
N ALA A 15 2.46 -9.42 -0.97
CA ALA A 15 3.13 -9.95 0.22
C ALA A 15 3.98 -11.17 -0.12
N VAL A 16 3.44 -12.06 -0.97
CA VAL A 16 4.13 -13.28 -1.39
C VAL A 16 5.20 -13.01 -2.45
N GLY A 17 4.80 -12.23 -3.44
CA GLY A 17 5.69 -11.86 -4.53
C GLY A 17 6.30 -10.48 -4.35
N ASN A 18 6.74 -10.20 -3.12
CA ASN A 18 7.35 -8.91 -2.77
C ASN A 18 8.88 -9.00 -2.83
N HIS A 19 9.52 -7.87 -3.13
CA HIS A 19 10.99 -7.81 -3.22
C HIS A 19 11.58 -7.24 -1.93
N ARG A 20 12.63 -7.89 -1.44
CA ARG A 20 13.32 -7.48 -0.21
C ARG A 20 14.82 -7.34 -0.43
N SER A 21 15.44 -6.43 0.33
CA SER A 21 16.88 -6.19 0.23
C SER A 21 17.65 -6.96 1.31
N PHE A 22 18.98 -7.05 1.14
CA PHE A 22 19.85 -7.76 2.08
C PHE A 22 20.26 -6.84 3.24
N SER A 23 20.56 -7.45 4.39
CA SER A 23 20.96 -6.68 5.58
C SER A 23 22.49 -6.57 5.67
N ASP A 24 23.06 -5.84 4.71
CA ASP A 24 24.50 -5.59 4.66
C ASP A 24 24.75 -4.15 4.22
N LYS A 25 23.92 -3.65 3.31
CA LYS A 25 24.04 -2.27 2.80
C LYS A 25 22.65 -1.66 2.61
N ASN A 26 22.45 -0.46 3.17
CA ASN A 26 21.18 0.25 3.06
C ASN A 26 21.25 1.34 2.01
N GLY A 27 20.12 1.56 1.33
CA GLY A 27 20.05 2.58 0.29
C GLY A 27 18.93 3.58 0.53
N LEU A 28 19.30 4.80 0.94
CA LEU A 28 18.33 5.86 1.21
C LEU A 28 18.26 6.84 0.04
N THR A 29 17.04 7.34 -0.22
CA THR A 29 16.82 8.29 -1.32
C THR A 29 15.87 9.41 -0.88
N SER A 30 14.78 9.04 -0.21
CA SER A 30 13.79 10.02 0.26
C SER A 30 13.97 10.29 1.76
N NH2 A 31 14.31 11.54 2.09
HN1 NH2 A 31 14.45 11.74 3.03
HN2 NH2 A 31 14.41 12.19 1.37
N GLY A 1 -13.44 -3.39 7.64
CA GLY A 1 -12.25 -4.28 7.60
C GLY A 1 -11.01 -3.56 7.10
N TRP A 2 -10.68 -2.44 7.73
CA TRP A 2 -9.51 -1.65 7.37
C TRP A 2 -8.37 -1.88 8.31
N THR A 3 -7.25 -1.30 7.91
CA THR A 3 -6.02 -1.32 8.67
C THR A 3 -5.15 -0.17 8.22
N LEU A 4 -5.20 0.11 6.89
CA LEU A 4 -4.38 1.15 6.23
C LEU A 4 -3.76 2.13 7.22
N ASN A 5 -4.61 2.80 8.01
CA ASN A 5 -4.15 3.75 9.04
C ASN A 5 -3.71 3.03 10.32
N SER A 6 -4.67 2.31 10.95
CA SER A 6 -4.44 1.59 12.20
C SER A 6 -3.34 0.52 12.11
N ALA A 7 -3.65 -0.63 11.50
CA ALA A 7 -2.70 -1.74 11.38
C ALA A 7 -2.13 -1.90 9.96
N GLY A 8 -2.52 -1.03 9.03
CA GLY A 8 -2.05 -1.12 7.65
C GLY A 8 -0.89 -0.19 7.33
N TYR A 9 -0.51 0.65 8.31
CA TYR A 9 0.61 1.60 8.20
C TYR A 9 1.89 0.98 7.59
N LEU A 10 2.15 -0.28 7.98
CA LEU A 10 3.31 -1.04 7.49
C LEU A 10 2.92 -1.88 6.26
N LEU A 11 1.64 -2.25 6.25
CA LEU A 11 1.03 -3.08 5.21
C LEU A 11 0.73 -2.30 3.93
N GLY A 12 0.63 -3.02 2.82
CA GLY A 12 0.34 -2.40 1.53
C GLY A 12 1.05 -3.10 0.37
N PRO A 13 2.42 -3.11 0.32
CA PRO A 13 3.17 -3.76 -0.77
C PRO A 13 3.23 -5.28 -0.62
N HIS A 14 3.05 -5.99 -1.74
CA HIS A 14 3.07 -7.45 -1.76
C HIS A 14 4.06 -7.97 -2.80
N ALA A 15 4.92 -8.91 -2.36
CA ALA A 15 5.94 -9.50 -3.23
C ALA A 15 5.93 -11.03 -3.14
N VAL A 16 5.46 -11.56 -2.00
CA VAL A 16 5.40 -13.01 -1.77
C VAL A 16 4.21 -13.68 -2.46
N GLY A 17 3.06 -13.02 -2.33
CA GLY A 17 1.83 -13.51 -2.94
C GLY A 17 1.60 -12.99 -4.34
N ASN A 18 2.68 -12.90 -5.12
CA ASN A 18 2.61 -12.41 -6.51
C ASN A 18 3.41 -13.31 -7.44
N HIS A 19 2.78 -13.70 -8.55
CA HIS A 19 3.42 -14.57 -9.55
C HIS A 19 3.32 -13.97 -10.95
N ARG A 20 2.15 -13.40 -11.28
CA ARG A 20 1.92 -12.78 -12.58
C ARG A 20 2.09 -11.26 -12.51
N SER A 21 2.65 -10.70 -13.58
CA SER A 21 2.88 -9.26 -13.67
C SER A 21 2.27 -8.67 -14.94
N PHE A 22 2.15 -7.33 -14.99
CA PHE A 22 1.59 -6.62 -16.13
C PHE A 22 2.65 -6.39 -17.23
N SER A 23 2.19 -6.30 -18.48
CA SER A 23 3.10 -6.10 -19.61
C SER A 23 3.26 -4.61 -19.94
N ASP A 24 3.98 -3.91 -19.06
CA ASP A 24 4.28 -2.48 -19.22
C ASP A 24 5.70 -2.19 -18.75
N LYS A 25 6.19 -3.04 -17.82
CA LYS A 25 7.54 -2.90 -17.28
C LYS A 25 8.27 -4.24 -17.24
N ASN A 26 9.50 -4.26 -17.77
CA ASN A 26 10.31 -5.48 -17.82
C ASN A 26 11.70 -5.24 -17.22
N GLY A 27 12.30 -4.09 -17.57
CA GLY A 27 13.63 -3.75 -17.08
C GLY A 27 14.53 -3.20 -18.16
N LEU A 28 15.18 -4.11 -18.89
CA LEU A 28 16.10 -3.74 -19.98
C LEU A 28 15.75 -4.48 -21.27
N THR A 29 15.45 -5.78 -21.14
CA THR A 29 15.11 -6.62 -22.29
C THR A 29 13.78 -7.32 -22.08
N SER A 30 13.03 -7.50 -23.17
CA SER A 30 11.72 -8.17 -23.13
C SER A 30 11.65 -9.32 -24.14
N NH2 A 31 12.01 -9.04 -25.39
HN1 NH2 A 31 11.98 -9.77 -26.04
HN2 NH2 A 31 12.30 -8.13 -25.59
N GLY A 1 -13.34 -3.70 7.26
CA GLY A 1 -12.08 -4.47 7.43
C GLY A 1 -10.86 -3.71 6.95
N TRP A 2 -10.58 -2.58 7.62
CA TRP A 2 -9.44 -1.73 7.27
C TRP A 2 -8.29 -1.95 8.22
N THR A 3 -7.18 -1.32 7.84
CA THR A 3 -5.97 -1.33 8.61
C THR A 3 -5.13 -0.15 8.20
N LEU A 4 -5.16 0.15 6.87
CA LEU A 4 -4.36 1.23 6.24
C LEU A 4 -3.77 2.20 7.26
N ASN A 5 -4.64 2.82 8.06
CA ASN A 5 -4.21 3.76 9.11
C ASN A 5 -3.75 3.00 10.36
N SER A 6 -4.70 2.28 10.98
CA SER A 6 -4.47 1.52 12.22
C SER A 6 -3.33 0.49 12.09
N ALA A 7 -3.61 -0.66 11.46
CA ALA A 7 -2.62 -1.73 11.30
C ALA A 7 -2.04 -1.84 9.87
N GLY A 8 -2.49 -0.96 8.97
CA GLY A 8 -2.03 -1.01 7.58
C GLY A 8 -0.89 -0.05 7.27
N TYR A 9 -0.48 0.71 8.30
CA TYR A 9 0.62 1.69 8.20
C TYR A 9 1.92 1.06 7.64
N LEU A 10 2.09 -0.24 7.89
CA LEU A 10 3.25 -1.01 7.43
C LEU A 10 2.84 -1.98 6.32
N LEU A 11 1.56 -2.37 6.33
CA LEU A 11 0.99 -3.31 5.37
C LEU A 11 0.58 -2.62 4.07
N GLY A 12 1.02 -3.19 2.95
CA GLY A 12 0.71 -2.64 1.63
C GLY A 12 1.91 -2.02 0.95
N PRO A 13 1.79 -1.52 -0.32
CA PRO A 13 2.90 -0.90 -1.06
C PRO A 13 3.18 0.55 -0.64
N HIS A 14 2.35 1.07 0.28
CA HIS A 14 2.49 2.45 0.77
C HIS A 14 2.41 2.49 2.29
N ALA A 15 3.15 3.41 2.89
CA ALA A 15 3.17 3.58 4.34
C ALA A 15 2.88 5.03 4.73
N VAL A 16 1.81 5.22 5.51
CA VAL A 16 1.37 6.55 5.96
C VAL A 16 2.22 7.07 7.12
N GLY A 17 2.43 6.20 8.09
CA GLY A 17 3.22 6.53 9.26
C GLY A 17 4.70 6.16 9.10
N ASN A 18 5.26 6.46 7.93
CA ASN A 18 6.66 6.17 7.64
C ASN A 18 7.56 7.38 7.94
N HIS A 19 7.11 8.56 7.51
CA HIS A 19 7.86 9.81 7.73
C HIS A 19 6.94 10.91 8.26
N ARG A 20 7.39 11.59 9.32
CA ARG A 20 6.62 12.67 9.94
C ARG A 20 7.45 13.96 10.08
N SER A 21 8.77 13.83 9.85
CA SER A 21 9.69 14.96 9.96
C SER A 21 10.59 15.04 8.71
N PHE A 22 11.26 16.19 8.55
CA PHE A 22 12.16 16.44 7.41
C PHE A 22 13.56 15.87 7.69
N SER A 23 14.30 15.60 6.60
CA SER A 23 15.65 15.06 6.72
C SER A 23 16.71 16.16 6.66
N ASP A 24 16.67 17.05 7.66
CA ASP A 24 17.62 18.17 7.79
C ASP A 24 18.00 18.38 9.25
N LYS A 25 17.19 17.81 10.17
CA LYS A 25 17.43 17.92 11.60
C LYS A 25 18.18 16.70 12.13
N ASN A 26 19.12 16.95 13.05
CA ASN A 26 19.92 15.89 13.65
C ASN A 26 19.90 15.97 15.18
N GLY A 27 20.01 17.19 15.71
CA GLY A 27 20.01 17.40 17.14
C GLY A 27 20.63 18.72 17.55
N LEU A 28 19.95 19.45 18.44
CA LEU A 28 20.43 20.75 18.92
C LEU A 28 21.07 20.62 20.30
N THR A 29 22.10 21.43 20.54
CA THR A 29 22.81 21.43 21.82
C THR A 29 22.89 22.83 22.43
N SER A 30 23.24 23.81 21.59
CA SER A 30 23.35 25.20 22.03
C SER A 30 22.53 26.13 21.13
N NH2 A 31 21.52 26.76 21.70
HN1 NH2 A 31 20.96 27.36 21.15
HN2 NH2 A 31 21.36 26.61 22.66
N GLY A 1 -13.17 -3.68 7.77
CA GLY A 1 -12.14 -4.37 6.95
C GLY A 1 -11.03 -3.44 6.50
N TRP A 2 -10.43 -2.74 7.46
CA TRP A 2 -9.34 -1.81 7.18
C TRP A 2 -8.18 -2.00 8.12
N THR A 3 -7.10 -1.34 7.76
CA THR A 3 -5.88 -1.31 8.53
C THR A 3 -5.09 -0.09 8.15
N LEU A 4 -5.17 0.30 6.85
CA LEU A 4 -4.43 1.44 6.27
C LEU A 4 -3.87 2.38 7.35
N ASN A 5 -4.76 2.89 8.21
CA ASN A 5 -4.35 3.76 9.31
C ASN A 5 -3.80 2.91 10.48
N SER A 6 -4.71 2.12 11.07
CA SER A 6 -4.42 1.26 12.22
C SER A 6 -3.21 0.32 11.97
N ALA A 7 -3.43 -0.80 11.25
CA ALA A 7 -2.36 -1.77 10.97
C ALA A 7 -1.86 -1.72 9.52
N GLY A 8 -2.42 -0.83 8.69
CA GLY A 8 -2.02 -0.73 7.28
C GLY A 8 -0.91 0.26 7.03
N TYR A 9 -0.45 0.90 8.11
CA TYR A 9 0.65 1.88 8.05
C TYR A 9 2.00 1.20 7.71
N LEU A 10 1.97 -0.14 7.72
CA LEU A 10 3.14 -0.98 7.42
C LEU A 10 2.72 -2.19 6.57
N LEU A 11 1.45 -2.60 6.74
CA LEU A 11 0.87 -3.73 6.03
C LEU A 11 0.27 -3.31 4.69
N GLY A 12 0.59 -4.07 3.64
CA GLY A 12 0.08 -3.77 2.31
C GLY A 12 1.02 -4.25 1.21
N PRO A 13 0.96 -3.65 -0.03
CA PRO A 13 1.83 -4.03 -1.16
C PRO A 13 3.27 -3.52 -0.99
N HIS A 14 4.17 -4.03 -1.84
CA HIS A 14 5.59 -3.66 -1.80
C HIS A 14 5.87 -2.47 -2.73
N ALA A 15 5.24 -2.47 -3.91
CA ALA A 15 5.42 -1.41 -4.89
C ALA A 15 4.30 -0.37 -4.79
N VAL A 16 4.69 0.89 -4.54
CA VAL A 16 3.74 2.00 -4.39
C VAL A 16 3.27 2.56 -5.74
N GLY A 17 4.24 2.75 -6.63
CA GLY A 17 3.97 3.28 -7.96
C GLY A 17 3.59 2.20 -8.97
N ASN A 18 2.91 1.15 -8.51
CA ASN A 18 2.47 0.05 -9.38
C ASN A 18 1.06 -0.40 -9.00
N HIS A 19 0.18 -0.47 -10.00
CA HIS A 19 -1.21 -0.88 -9.81
C HIS A 19 -1.61 -1.95 -10.82
N ARG A 20 -1.22 -1.74 -12.09
CA ARG A 20 -1.53 -2.68 -13.17
C ARG A 20 -0.26 -3.23 -13.80
N SER A 21 -0.21 -4.57 -13.94
CA SER A 21 0.96 -5.24 -14.53
C SER A 21 0.68 -5.64 -15.98
N PHE A 22 1.75 -5.89 -16.73
CA PHE A 22 1.66 -6.27 -18.15
C PHE A 22 1.71 -7.81 -18.31
N SER A 23 2.87 -8.41 -18.04
CA SER A 23 3.06 -9.86 -18.15
C SER A 23 2.82 -10.56 -16.82
N ASP A 24 2.90 -9.79 -15.73
CA ASP A 24 2.70 -10.31 -14.37
C ASP A 24 1.21 -10.22 -13.96
N LYS A 25 0.36 -9.77 -14.90
CA LYS A 25 -1.07 -9.63 -14.65
C LYS A 25 -1.82 -10.89 -15.09
N ASN A 26 -2.85 -11.25 -14.32
CA ASN A 26 -3.67 -12.43 -14.62
C ASN A 26 -4.99 -12.03 -15.29
N GLY A 27 -5.31 -12.69 -16.39
CA GLY A 27 -6.53 -12.40 -17.13
C GLY A 27 -7.60 -13.44 -16.88
N LEU A 28 -8.55 -13.11 -16.01
CA LEU A 28 -9.67 -14.01 -15.67
C LEU A 28 -11.01 -13.29 -15.80
N THR A 29 -11.93 -13.90 -16.56
CA THR A 29 -13.26 -13.34 -16.78
C THR A 29 -14.30 -13.99 -15.85
N SER A 30 -14.22 -15.32 -15.72
CA SER A 30 -15.15 -16.08 -14.87
C SER A 30 -14.50 -16.42 -13.53
N NH2 A 31 -15.06 -15.89 -12.45
HN1 NH2 A 31 -14.65 -16.08 -11.58
HN2 NH2 A 31 -15.84 -15.31 -12.57
N GLY A 1 -13.49 -3.63 7.30
CA GLY A 1 -12.23 -4.35 7.63
C GLY A 1 -11.00 -3.63 7.11
N TRP A 2 -10.68 -2.50 7.74
CA TRP A 2 -9.50 -1.69 7.36
C TRP A 2 -8.35 -1.93 8.29
N THR A 3 -7.24 -1.32 7.91
CA THR A 3 -6.01 -1.32 8.66
C THR A 3 -5.15 -0.17 8.21
N LEU A 4 -5.20 0.11 6.88
CA LEU A 4 -4.38 1.14 6.23
C LEU A 4 -3.76 2.13 7.21
N ASN A 5 -4.62 2.79 8.01
CA ASN A 5 -4.17 3.74 9.03
C ASN A 5 -3.73 3.02 10.31
N SER A 6 -4.69 2.32 10.95
CA SER A 6 -4.46 1.61 12.20
C SER A 6 -3.34 0.54 12.12
N ALA A 7 -3.65 -0.62 11.51
CA ALA A 7 -2.70 -1.73 11.40
C ALA A 7 -2.12 -1.89 9.98
N GLY A 8 -2.51 -1.01 9.04
CA GLY A 8 -2.04 -1.11 7.67
C GLY A 8 -0.87 -0.18 7.35
N TYR A 9 -0.50 0.64 8.34
CA TYR A 9 0.64 1.60 8.23
C TYR A 9 1.91 0.97 7.60
N LEU A 10 2.17 -0.29 7.97
CA LEU A 10 3.32 -1.05 7.47
C LEU A 10 2.92 -1.93 6.27
N LEU A 11 1.62 -2.22 6.22
CA LEU A 11 1.01 -3.07 5.20
C LEU A 11 0.65 -2.29 3.93
N GLY A 12 0.52 -3.02 2.81
CA GLY A 12 0.17 -2.41 1.55
C GLY A 12 1.24 -2.62 0.48
N PRO A 13 1.14 -1.94 -0.71
CA PRO A 13 2.13 -2.09 -1.80
C PRO A 13 3.43 -1.32 -1.52
N HIS A 14 4.47 -1.67 -2.30
CA HIS A 14 5.79 -1.04 -2.14
C HIS A 14 6.26 -0.44 -3.46
N ALA A 15 6.69 0.83 -3.42
CA ALA A 15 7.17 1.54 -4.60
C ALA A 15 8.57 2.12 -4.35
N VAL A 16 9.51 1.73 -5.22
CA VAL A 16 10.91 2.18 -5.13
C VAL A 16 11.12 3.57 -5.72
N GLY A 17 10.55 3.77 -6.89
CA GLY A 17 10.66 5.05 -7.60
C GLY A 17 9.61 6.06 -7.20
N ASN A 18 9.19 6.02 -5.92
CA ASN A 18 8.19 6.95 -5.39
C ASN A 18 8.55 7.39 -3.98
N HIS A 19 8.41 8.70 -3.72
CA HIS A 19 8.73 9.27 -2.42
C HIS A 19 7.56 10.12 -1.90
N ARG A 20 7.11 9.83 -0.68
CA ARG A 20 6.00 10.56 -0.06
C ARG A 20 6.36 10.97 1.37
N SER A 21 5.85 12.12 1.79
CA SER A 21 6.10 12.65 3.13
C SER A 21 4.91 12.35 4.06
N PHE A 22 5.15 12.50 5.37
CA PHE A 22 4.12 12.26 6.40
C PHE A 22 3.24 13.49 6.60
N SER A 23 1.98 13.27 7.00
CA SER A 23 1.05 14.35 7.23
C SER A 23 1.03 14.80 8.69
N ASP A 24 2.11 15.47 9.08
CA ASP A 24 2.28 16.03 10.43
C ASP A 24 2.96 17.39 10.35
N LYS A 25 3.73 17.61 9.27
CA LYS A 25 4.44 18.87 9.06
C LYS A 25 4.25 19.37 7.63
N ASN A 26 4.09 20.69 7.49
CA ASN A 26 3.89 21.32 6.18
C ASN A 26 4.87 22.47 5.97
N GLY A 27 5.24 22.70 4.71
CA GLY A 27 6.17 23.77 4.37
C GLY A 27 5.47 25.01 3.88
N LEU A 28 5.47 25.21 2.56
CA LEU A 28 4.83 26.37 1.94
C LEU A 28 3.48 26.00 1.36
N THR A 29 2.46 26.81 1.69
CA THR A 29 1.10 26.59 1.22
C THR A 29 0.44 27.90 0.80
N SER A 30 -0.37 27.84 -0.26
CA SER A 30 -1.07 29.01 -0.78
C SER A 30 -2.53 29.03 -0.31
N NH2 A 31 -2.88 30.03 0.47
HN1 NH2 A 31 -3.82 30.06 0.80
HN2 NH2 A 31 -2.21 30.69 0.71
N GLY A 1 -13.68 -3.33 7.34
CA GLY A 1 -12.41 -4.11 7.25
C GLY A 1 -11.25 -3.30 6.73
N TRP A 2 -10.59 -2.57 7.64
CA TRP A 2 -9.44 -1.73 7.29
C TRP A 2 -8.29 -1.95 8.23
N THR A 3 -7.20 -1.33 7.86
CA THR A 3 -5.97 -1.33 8.61
C THR A 3 -5.13 -0.16 8.20
N LEU A 4 -5.17 0.15 6.87
CA LEU A 4 -4.36 1.22 6.24
C LEU A 4 -3.77 2.20 7.25
N ASN A 5 -4.64 2.82 8.06
CA ASN A 5 -4.22 3.76 9.10
C ASN A 5 -3.75 3.00 10.36
N SER A 6 -4.70 2.28 10.98
CA SER A 6 -4.47 1.53 12.22
C SER A 6 -3.33 0.49 12.09
N ALA A 7 -3.61 -0.66 11.46
CA ALA A 7 -2.63 -1.72 11.30
C ALA A 7 -2.05 -1.83 9.88
N GLY A 8 -2.49 -0.96 8.97
CA GLY A 8 -2.03 -1.01 7.58
C GLY A 8 -0.90 -0.05 7.28
N TYR A 9 -0.48 0.70 8.30
CA TYR A 9 0.63 1.68 8.21
C TYR A 9 1.92 1.05 7.64
N LEU A 10 2.10 -0.25 7.91
CA LEU A 10 3.25 -1.03 7.43
C LEU A 10 2.86 -1.97 6.31
N LEU A 11 1.57 -2.36 6.33
CA LEU A 11 1.00 -3.29 5.36
C LEU A 11 0.60 -2.58 4.06
N GLY A 12 1.08 -3.13 2.93
CA GLY A 12 0.78 -2.56 1.63
C GLY A 12 1.30 -3.43 0.48
N PRO A 13 0.54 -4.48 0.05
CA PRO A 13 0.97 -5.37 -1.05
C PRO A 13 0.83 -4.72 -2.43
N HIS A 14 1.92 -4.76 -3.20
CA HIS A 14 1.95 -4.17 -4.54
C HIS A 14 2.48 -5.19 -5.56
N ALA A 15 2.02 -5.05 -6.81
CA ALA A 15 2.43 -5.94 -7.89
C ALA A 15 3.51 -5.30 -8.75
N VAL A 16 4.61 -6.04 -8.96
CA VAL A 16 5.74 -5.56 -9.76
C VAL A 16 5.57 -5.91 -11.24
N GLY A 17 5.66 -4.89 -12.10
CA GLY A 17 5.49 -5.08 -13.54
C GLY A 17 4.17 -4.58 -14.06
N ASN A 18 3.14 -4.58 -13.19
CA ASN A 18 1.80 -4.13 -13.56
C ASN A 18 1.59 -2.67 -13.16
N HIS A 19 1.08 -1.87 -14.11
CA HIS A 19 0.83 -0.45 -13.88
C HIS A 19 -0.65 -0.21 -13.59
N ARG A 20 -0.94 0.87 -12.85
CA ARG A 20 -2.30 1.24 -12.49
C ARG A 20 -2.84 2.31 -13.43
N SER A 21 -4.16 2.30 -13.63
CA SER A 21 -4.84 3.26 -14.51
C SER A 21 -5.41 4.44 -13.71
N PHE A 22 -5.61 5.57 -14.40
CA PHE A 22 -6.15 6.79 -13.77
C PHE A 22 -7.67 6.85 -13.88
N SER A 23 -8.21 6.49 -15.07
CA SER A 23 -9.67 6.48 -15.36
C SER A 23 -10.33 7.87 -15.18
N ASP A 24 -9.49 8.91 -14.98
CA ASP A 24 -9.96 10.30 -14.79
C ASP A 24 -10.93 10.43 -13.61
N LYS A 25 -10.39 10.33 -12.39
CA LYS A 25 -11.17 10.42 -11.17
C LYS A 25 -10.80 11.68 -10.38
N ASN A 26 -11.83 12.42 -9.96
CA ASN A 26 -11.63 13.66 -9.19
C ASN A 26 -12.46 13.65 -7.90
N GLY A 27 -13.72 13.20 -8.02
CA GLY A 27 -14.61 13.15 -6.88
C GLY A 27 -15.93 12.48 -7.20
N LEU A 28 -16.19 11.34 -6.56
CA LEU A 28 -17.43 10.59 -6.77
C LEU A 28 -18.10 10.25 -5.44
N THR A 29 -19.41 10.54 -5.36
CA THR A 29 -20.18 10.29 -4.15
C THR A 29 -20.99 8.99 -4.28
N SER A 30 -20.81 8.09 -3.31
CA SER A 30 -21.52 6.81 -3.29
C SER A 30 -22.70 6.85 -2.33
N NH2 A 31 -23.90 6.70 -2.87
HN1 NH2 A 31 -24.69 6.74 -2.29
HN2 NH2 A 31 -23.96 6.58 -3.84
N GLY A 1 -12.61 -5.36 6.90
CA GLY A 1 -12.56 -3.96 7.41
C GLY A 1 -11.38 -3.18 6.87
N TRP A 2 -10.68 -2.48 7.76
CA TRP A 2 -9.52 -1.67 7.38
C TRP A 2 -8.36 -1.90 8.30
N THR A 3 -7.25 -1.30 7.92
CA THR A 3 -6.02 -1.32 8.66
C THR A 3 -5.16 -0.17 8.22
N LEU A 4 -5.20 0.11 6.89
CA LEU A 4 -4.39 1.15 6.22
C LEU A 4 -3.76 2.13 7.22
N ASN A 5 -4.62 2.80 8.01
CA ASN A 5 -4.15 3.74 9.03
C ASN A 5 -3.71 3.02 10.31
N SER A 6 -4.67 2.31 10.95
CA SER A 6 -4.44 1.61 12.21
C SER A 6 -3.33 0.52 12.11
N ALA A 7 -3.65 -0.63 11.50
CA ALA A 7 -2.70 -1.74 11.38
C ALA A 7 -2.13 -1.90 9.97
N GLY A 8 -2.52 -1.02 9.04
CA GLY A 8 -2.04 -1.12 7.66
C GLY A 8 -0.89 -0.19 7.33
N TYR A 9 -0.51 0.64 8.32
CA TYR A 9 0.62 1.60 8.21
C TYR A 9 1.88 0.97 7.59
N LEU A 10 2.15 -0.28 7.98
CA LEU A 10 3.31 -1.04 7.49
C LEU A 10 2.92 -1.88 6.26
N LEU A 11 1.64 -2.25 6.25
CA LEU A 11 1.03 -3.08 5.21
C LEU A 11 0.72 -2.29 3.94
N GLY A 12 0.59 -3.01 2.82
CA GLY A 12 0.29 -2.38 1.55
C GLY A 12 0.70 -3.25 0.35
N PRO A 13 2.03 -3.52 0.15
CA PRO A 13 2.52 -4.34 -0.97
C PRO A 13 2.28 -5.84 -0.76
N HIS A 14 2.26 -6.59 -1.87
CA HIS A 14 2.04 -8.04 -1.83
C HIS A 14 3.05 -8.78 -2.73
N ALA A 15 3.21 -8.30 -3.97
CA ALA A 15 4.14 -8.89 -4.93
C ALA A 15 5.02 -7.85 -5.60
N VAL A 16 4.56 -6.60 -5.63
CA VAL A 16 5.30 -5.49 -6.26
C VAL A 16 6.61 -5.17 -5.52
N GLY A 17 7.70 -5.33 -6.25
CA GLY A 17 9.03 -5.08 -5.69
C GLY A 17 9.82 -6.36 -5.46
N ASN A 18 9.15 -7.36 -4.87
CA ASN A 18 9.79 -8.65 -4.58
C ASN A 18 9.48 -9.67 -5.68
N HIS A 19 10.54 -10.28 -6.22
CA HIS A 19 10.41 -11.28 -7.28
C HIS A 19 11.22 -12.53 -6.94
N ARG A 20 10.70 -13.69 -7.37
CA ARG A 20 11.36 -14.97 -7.13
C ARG A 20 11.51 -15.76 -8.43
N SER A 21 12.73 -16.24 -8.68
CA SER A 21 13.03 -17.01 -9.88
C SER A 21 13.10 -18.51 -9.57
N PHE A 22 12.99 -19.33 -10.63
CA PHE A 22 13.04 -20.79 -10.50
C PHE A 22 14.47 -21.32 -10.53
N SER A 23 14.76 -22.33 -9.70
CA SER A 23 16.09 -22.91 -9.64
C SER A 23 16.24 -24.09 -10.60
N ASP A 24 16.37 -23.75 -11.88
CA ASP A 24 16.56 -24.72 -12.96
C ASP A 24 17.50 -24.15 -14.01
N LYS A 25 17.53 -22.81 -14.12
CA LYS A 25 18.40 -22.13 -15.08
C LYS A 25 19.13 -20.95 -14.41
N ASN A 26 20.44 -20.89 -14.63
CA ASN A 26 21.27 -19.82 -14.06
C ASN A 26 22.12 -19.15 -15.14
N GLY A 27 22.29 -17.83 -15.01
CA GLY A 27 23.08 -17.07 -15.97
C GLY A 27 24.46 -16.75 -15.46
N LEU A 28 25.47 -16.93 -16.32
CA LEU A 28 26.86 -16.67 -15.98
C LEU A 28 27.52 -15.76 -17.02
N THR A 29 28.19 -14.71 -16.54
CA THR A 29 28.88 -13.76 -17.42
C THR A 29 30.37 -14.05 -17.48
N SER A 30 30.96 -13.84 -18.66
CA SER A 30 32.39 -14.06 -18.87
C SER A 30 33.17 -12.75 -18.83
N NH2 A 31 34.04 -12.60 -17.85
HN1 NH2 A 31 34.55 -11.77 -17.79
HN2 NH2 A 31 34.15 -13.36 -17.22
N GLY A 1 -13.49 -3.75 7.10
CA GLY A 1 -12.23 -4.35 7.61
C GLY A 1 -11.00 -3.62 7.10
N TRP A 2 -10.67 -2.49 7.74
CA TRP A 2 -9.51 -1.68 7.37
C TRP A 2 -8.35 -1.91 8.30
N THR A 3 -7.24 -1.31 7.91
CA THR A 3 -6.01 -1.32 8.66
C THR A 3 -5.16 -0.17 8.21
N LEU A 4 -5.19 0.12 6.87
CA LEU A 4 -4.38 1.16 6.23
C LEU A 4 -3.76 2.15 7.23
N ASN A 5 -4.62 2.80 8.02
CA ASN A 5 -4.17 3.75 9.04
C ASN A 5 -3.72 3.02 10.32
N SER A 6 -4.68 2.31 10.95
CA SER A 6 -4.44 1.60 12.21
C SER A 6 -3.34 0.52 12.11
N ALA A 7 -3.65 -0.63 11.50
CA ALA A 7 -2.69 -1.74 11.38
C ALA A 7 -2.12 -1.88 9.96
N GLY A 8 -2.52 -1.01 9.03
CA GLY A 8 -2.04 -1.10 7.66
C GLY A 8 -0.89 -0.17 7.34
N TYR A 9 -0.50 0.65 8.32
CA TYR A 9 0.62 1.62 8.22
C TYR A 9 1.90 0.98 7.60
N LEU A 10 2.15 -0.27 7.96
CA LEU A 10 3.30 -1.04 7.46
C LEU A 10 2.92 -1.89 6.26
N LEU A 11 1.64 -2.27 6.24
CA LEU A 11 1.03 -3.12 5.23
C LEU A 11 0.74 -2.35 3.93
N GLY A 12 1.21 -2.89 2.81
CA GLY A 12 1.01 -2.27 1.52
C GLY A 12 0.07 -3.08 0.62
N PRO A 13 0.08 -2.86 -0.74
CA PRO A 13 -0.79 -3.59 -1.68
C PRO A 13 -0.30 -5.01 -1.95
N HIS A 14 -1.19 -5.83 -2.53
CA HIS A 14 -0.88 -7.22 -2.84
C HIS A 14 -0.72 -7.42 -4.35
N ALA A 15 0.26 -8.23 -4.73
CA ALA A 15 0.54 -8.52 -6.14
C ALA A 15 0.55 -10.02 -6.40
N VAL A 16 0.02 -10.41 -7.56
CA VAL A 16 -0.06 -11.84 -7.97
C VAL A 16 1.27 -12.34 -8.53
N GLY A 17 1.84 -11.53 -9.40
CA GLY A 17 3.11 -11.86 -10.04
C GLY A 17 4.32 -11.34 -9.27
N ASN A 18 4.07 -10.57 -8.21
CA ASN A 18 5.15 -10.01 -7.38
C ASN A 18 4.86 -10.21 -5.89
N HIS A 19 5.93 -10.43 -5.12
CA HIS A 19 5.82 -10.66 -3.68
C HIS A 19 6.75 -9.72 -2.90
N ARG A 20 6.29 -9.28 -1.73
CA ARG A 20 7.08 -8.39 -0.87
C ARG A 20 7.17 -8.94 0.55
N SER A 21 8.31 -8.69 1.20
CA SER A 21 8.55 -9.15 2.57
C SER A 21 8.96 -7.99 3.47
N PHE A 22 8.85 -8.20 4.79
CA PHE A 22 9.19 -7.19 5.79
C PHE A 22 10.68 -7.22 6.14
N SER A 23 11.28 -6.04 6.33
CA SER A 23 12.70 -5.96 6.66
C SER A 23 12.92 -5.94 8.17
N ASP A 24 12.78 -7.13 8.77
CA ASP A 24 12.97 -7.33 10.20
C ASP A 24 13.62 -8.70 10.44
N LYS A 25 13.38 -9.64 9.51
CA LYS A 25 13.94 -10.99 9.60
C LYS A 25 14.52 -11.43 8.26
N ASN A 26 15.76 -11.93 8.29
CA ASN A 26 16.45 -12.40 7.09
C ASN A 26 16.99 -13.81 7.27
N GLY A 27 17.58 -14.07 8.45
CA GLY A 27 18.15 -15.38 8.74
C GLY A 27 19.65 -15.41 8.58
N LEU A 28 20.36 -14.60 9.36
CA LEU A 28 21.81 -14.52 9.32
C LEU A 28 22.45 -15.34 10.45
N THR A 29 21.87 -15.24 11.65
CA THR A 29 22.37 -15.97 12.82
C THR A 29 21.55 -17.24 13.08
N SER A 30 20.22 -17.09 13.03
CA SER A 30 19.31 -18.22 13.26
C SER A 30 18.79 -18.78 11.93
N NH2 A 31 19.14 -20.03 11.65
HN1 NH2 A 31 18.83 -20.40 10.80
HN2 NH2 A 31 19.69 -20.51 12.29
N GLY A 1 -13.30 -4.19 6.61
CA GLY A 1 -12.10 -4.46 7.45
C GLY A 1 -10.88 -3.70 6.97
N TRP A 2 -10.60 -2.56 7.63
CA TRP A 2 -9.45 -1.72 7.28
C TRP A 2 -8.30 -1.94 8.23
N THR A 3 -7.19 -1.32 7.85
CA THR A 3 -5.97 -1.33 8.61
C THR A 3 -5.14 -0.15 8.20
N LEU A 4 -5.17 0.15 6.87
CA LEU A 4 -4.37 1.23 6.25
C LEU A 4 -3.78 2.21 7.26
N ASN A 5 -4.65 2.83 8.06
CA ASN A 5 -4.21 3.76 9.11
C ASN A 5 -3.75 3.00 10.36
N SER A 6 -4.70 2.28 10.99
CA SER A 6 -4.47 1.53 12.23
C SER A 6 -3.33 0.49 12.10
N ALA A 7 -3.62 -0.65 11.46
CA ALA A 7 -2.63 -1.72 11.30
C ALA A 7 -2.06 -1.84 9.88
N GLY A 8 -2.50 -0.96 8.97
CA GLY A 8 -2.03 -1.01 7.58
C GLY A 8 -0.90 -0.04 7.27
N TYR A 9 -0.48 0.70 8.30
CA TYR A 9 0.62 1.69 8.20
C TYR A 9 1.92 1.06 7.63
N LEU A 10 2.10 -0.24 7.89
CA LEU A 10 3.26 -1.02 7.43
C LEU A 10 2.86 -1.96 6.30
N LEU A 11 1.59 -2.38 6.33
CA LEU A 11 1.02 -3.32 5.35
C LEU A 11 0.64 -2.64 4.03
N GLY A 12 0.67 -1.30 4.02
CA GLY A 12 0.32 -0.55 2.81
C GLY A 12 0.87 0.87 2.84
N PRO A 13 2.21 1.08 2.64
CA PRO A 13 2.83 2.42 2.65
C PRO A 13 2.56 3.20 1.37
N HIS A 14 2.68 4.53 1.47
CA HIS A 14 2.45 5.42 0.32
C HIS A 14 3.78 5.85 -0.32
N ALA A 15 3.85 5.74 -1.65
CA ALA A 15 5.05 6.10 -2.40
C ALA A 15 4.73 7.11 -3.51
N VAL A 16 5.69 7.99 -3.79
CA VAL A 16 5.53 9.02 -4.83
C VAL A 16 5.95 8.50 -6.21
N GLY A 17 5.04 8.62 -7.18
CA GLY A 17 5.32 8.16 -8.53
C GLY A 17 4.57 6.88 -8.88
N ASN A 18 4.37 6.02 -7.87
CA ASN A 18 3.68 4.74 -8.06
C ASN A 18 2.19 4.86 -7.71
N HIS A 19 1.88 5.60 -6.65
CA HIS A 19 0.50 5.80 -6.21
C HIS A 19 -0.02 7.16 -6.68
N ARG A 20 -1.22 7.15 -7.29
CA ARG A 20 -1.86 8.36 -7.79
C ARG A 20 -3.20 8.61 -7.11
N SER A 21 -3.55 9.89 -6.93
CA SER A 21 -4.82 10.34 -6.30
C SER A 21 -5.02 9.77 -4.87
N PHE A 22 -5.95 10.37 -4.14
CA PHE A 22 -6.27 9.96 -2.76
C PHE A 22 -7.40 8.92 -2.74
N SER A 23 -7.29 7.94 -1.86
CA SER A 23 -8.32 6.89 -1.75
C SER A 23 -9.38 7.26 -0.71
N ASP A 24 -10.24 8.20 -1.12
CA ASP A 24 -11.34 8.68 -0.29
C ASP A 24 -12.57 8.94 -1.17
N LYS A 25 -12.32 9.25 -2.45
CA LYS A 25 -13.40 9.52 -3.42
C LYS A 25 -13.13 8.80 -4.73
N ASN A 26 -14.19 8.19 -5.28
CA ASN A 26 -14.10 7.45 -6.55
C ASN A 26 -15.17 7.90 -7.53
N GLY A 27 -16.39 8.10 -7.03
CA GLY A 27 -17.50 8.54 -7.88
C GLY A 27 -18.79 7.80 -7.57
N LEU A 28 -19.88 8.58 -7.46
CA LEU A 28 -21.20 8.01 -7.17
C LEU A 28 -22.24 8.49 -8.18
N THR A 29 -23.14 7.58 -8.56
CA THR A 29 -24.19 7.90 -9.53
C THR A 29 -25.52 7.28 -9.10
N SER A 30 -26.61 8.04 -9.32
CA SER A 30 -27.96 7.59 -8.96
C SER A 30 -28.70 7.07 -10.20
N NH2 A 31 -29.03 5.78 -10.19
HN1 NH2 A 31 -29.49 5.41 -10.96
HN2 NH2 A 31 -28.78 5.25 -9.39
N GLY A 1 -12.21 -5.37 7.77
CA GLY A 1 -12.56 -3.96 7.44
C GLY A 1 -11.39 -3.18 6.89
N TRP A 2 -10.69 -2.47 7.78
CA TRP A 2 -9.52 -1.67 7.39
C TRP A 2 -8.36 -1.90 8.32
N THR A 3 -7.25 -1.30 7.92
CA THR A 3 -6.02 -1.32 8.66
C THR A 3 -5.16 -0.17 8.22
N LEU A 4 -5.21 0.11 6.89
CA LEU A 4 -4.39 1.16 6.23
C LEU A 4 -3.76 2.14 7.22
N ASN A 5 -4.62 2.80 8.01
CA ASN A 5 -4.16 3.75 9.04
C ASN A 5 -3.71 3.02 10.31
N SER A 6 -4.67 2.31 10.95
CA SER A 6 -4.43 1.59 12.21
C SER A 6 -3.33 0.52 12.11
N ALA A 7 -3.65 -0.63 11.50
CA ALA A 7 -2.70 -1.74 11.38
C ALA A 7 -2.13 -1.89 9.96
N GLY A 8 -2.52 -1.02 9.02
CA GLY A 8 -2.05 -1.11 7.65
C GLY A 8 -0.89 -0.18 7.33
N TYR A 9 -0.50 0.65 8.31
CA TYR A 9 0.62 1.60 8.21
C TYR A 9 1.89 0.99 7.60
N LEU A 10 2.15 -0.28 7.98
CA LEU A 10 3.31 -1.04 7.49
C LEU A 10 2.92 -1.89 6.27
N LEU A 11 1.64 -2.25 6.25
CA LEU A 11 1.04 -3.09 5.22
C LEU A 11 0.74 -2.31 3.94
N GLY A 12 0.71 -3.03 2.81
CA GLY A 12 0.44 -2.40 1.52
C GLY A 12 1.52 -2.70 0.48
N PRO A 13 2.80 -2.24 0.68
CA PRO A 13 3.89 -2.49 -0.27
C PRO A 13 4.46 -3.92 -0.22
N HIS A 14 3.84 -4.77 0.62
CA HIS A 14 4.28 -6.16 0.78
C HIS A 14 3.54 -7.09 -0.19
N ALA A 15 2.21 -6.92 -0.27
CA ALA A 15 1.37 -7.73 -1.16
C ALA A 15 0.44 -6.85 -1.99
N VAL A 16 0.77 -6.69 -3.27
CA VAL A 16 -0.01 -5.86 -4.21
C VAL A 16 -1.24 -6.58 -4.74
N GLY A 17 -1.03 -7.82 -5.13
CA GLY A 17 -2.10 -8.66 -5.67
C GLY A 17 -2.84 -9.45 -4.60
N ASN A 18 -3.03 -8.85 -3.42
CA ASN A 18 -3.72 -9.49 -2.31
C ASN A 18 -4.77 -8.56 -1.70
N HIS A 19 -6.05 -8.91 -1.89
CA HIS A 19 -7.17 -8.12 -1.37
C HIS A 19 -8.28 -9.03 -0.84
N ARG A 20 -8.63 -10.05 -1.62
CA ARG A 20 -9.68 -11.01 -1.26
C ARG A 20 -9.22 -12.44 -1.51
N SER A 21 -9.84 -13.39 -0.78
CA SER A 21 -9.50 -14.82 -0.91
C SER A 21 -10.41 -15.50 -1.92
N PHE A 22 -10.00 -16.71 -2.36
CA PHE A 22 -10.76 -17.50 -3.34
C PHE A 22 -11.89 -18.30 -2.66
N SER A 23 -12.98 -18.53 -3.41
CA SER A 23 -14.11 -19.28 -2.88
C SER A 23 -14.02 -20.76 -3.21
N ASP A 24 -13.09 -21.43 -2.53
CA ASP A 24 -12.88 -22.87 -2.69
C ASP A 24 -12.59 -23.50 -1.31
N LYS A 25 -12.07 -22.67 -0.39
CA LYS A 25 -11.76 -23.13 0.97
C LYS A 25 -12.31 -22.16 2.01
N ASN A 26 -13.07 -22.69 2.97
CA ASN A 26 -13.67 -21.88 4.04
C ASN A 26 -13.37 -22.50 5.40
N GLY A 27 -13.13 -21.63 6.39
CA GLY A 27 -12.83 -22.09 7.75
C GLY A 27 -12.92 -20.97 8.77
N LEU A 28 -13.86 -21.10 9.70
CA LEU A 28 -14.06 -20.09 10.76
C LEU A 28 -13.42 -20.56 12.07
N THR A 29 -12.62 -19.67 12.67
CA THR A 29 -11.95 -19.97 13.93
C THR A 29 -11.99 -18.77 14.88
N SER A 30 -12.08 -19.05 16.18
CA SER A 30 -12.12 -18.00 17.20
C SER A 30 -11.06 -18.24 18.27
N NH2 A 31 -10.11 -17.32 18.36
HN1 NH2 A 31 -9.40 -17.45 19.04
HN2 NH2 A 31 -10.14 -16.54 17.76
N GLY A 1 -13.22 -4.47 6.43
CA GLY A 1 -12.18 -4.35 7.49
C GLY A 1 -10.94 -3.61 7.01
N TRP A 2 -10.64 -2.49 7.66
CA TRP A 2 -9.48 -1.67 7.31
C TRP A 2 -8.34 -1.90 8.26
N THR A 3 -7.22 -1.30 7.88
CA THR A 3 -6.00 -1.31 8.65
C THR A 3 -5.15 -0.16 8.22
N LEU A 4 -5.18 0.13 6.89
CA LEU A 4 -4.38 1.19 6.24
C LEU A 4 -3.77 2.16 7.24
N ASN A 5 -4.62 2.81 8.04
CA ASN A 5 -4.18 3.75 9.08
C ASN A 5 -3.73 3.01 10.34
N SER A 6 -4.69 2.30 10.96
CA SER A 6 -4.47 1.56 12.21
C SER A 6 -3.34 0.50 12.10
N ALA A 7 -3.64 -0.65 11.48
CA ALA A 7 -2.66 -1.73 11.34
C ALA A 7 -2.08 -1.87 9.92
N GLY A 8 -2.50 -1.00 9.00
CA GLY A 8 -2.04 -1.07 7.62
C GLY A 8 -0.89 -0.13 7.30
N TYR A 9 -0.50 0.67 8.30
CA TYR A 9 0.62 1.64 8.20
C TYR A 9 1.89 1.01 7.60
N LEU A 10 2.13 -0.26 7.95
CA LEU A 10 3.28 -1.03 7.46
C LEU A 10 2.89 -1.93 6.30
N LEU A 11 1.61 -2.30 6.28
CA LEU A 11 1.03 -3.19 5.27
C LEU A 11 0.69 -2.46 3.96
N GLY A 12 0.87 -1.13 3.97
CA GLY A 12 0.58 -0.32 2.79
C GLY A 12 1.79 0.49 2.32
N PRO A 13 1.59 1.59 1.53
CA PRO A 13 2.69 2.45 1.04
C PRO A 13 3.26 3.37 2.12
N HIS A 14 4.49 3.83 1.90
CA HIS A 14 5.17 4.72 2.85
C HIS A 14 5.03 6.19 2.42
N ALA A 15 5.08 7.10 3.40
CA ALA A 15 4.96 8.53 3.16
C ALA A 15 6.32 9.20 3.07
N VAL A 16 6.53 9.99 2.02
CA VAL A 16 7.80 10.70 1.78
C VAL A 16 7.79 12.09 2.47
N GLY A 17 6.60 12.51 2.88
CA GLY A 17 6.44 13.81 3.54
C GLY A 17 6.46 13.71 5.06
N ASN A 18 7.11 12.66 5.59
CA ASN A 18 7.21 12.45 7.03
C ASN A 18 8.64 12.07 7.42
N HIS A 19 9.19 12.81 8.38
CA HIS A 19 10.56 12.57 8.87
C HIS A 19 10.58 12.53 10.40
N ARG A 20 11.48 11.69 10.93
CA ARG A 20 11.64 11.53 12.37
C ARG A 20 13.10 11.71 12.78
N SER A 21 13.33 12.60 13.75
CA SER A 21 14.68 12.88 14.25
C SER A 21 14.72 12.79 15.78
N PHE A 22 15.94 12.63 16.32
CA PHE A 22 16.17 12.52 17.76
C PHE A 22 16.33 13.92 18.40
N SER A 23 16.84 13.96 19.65
CA SER A 23 17.05 15.21 20.39
C SER A 23 18.29 15.96 19.86
N ASP A 24 18.09 16.65 18.74
CA ASP A 24 19.14 17.44 18.09
C ASP A 24 18.57 18.74 17.51
N LYS A 25 17.37 18.63 16.92
CA LYS A 25 16.69 19.78 16.31
C LYS A 25 15.62 20.33 17.25
N ASN A 26 15.43 21.64 17.22
CA ASN A 26 14.44 22.32 18.05
C ASN A 26 13.18 22.65 17.26
N GLY A 27 12.02 22.30 17.82
CA GLY A 27 10.75 22.56 17.16
C GLY A 27 10.01 23.74 17.75
N LEU A 28 9.78 23.70 19.07
CA LEU A 28 9.09 24.78 19.77
C LEU A 28 10.09 25.67 20.50
N THR A 29 9.76 26.97 20.56
CA THR A 29 10.62 27.96 21.22
C THR A 29 10.10 28.28 22.63
N SER A 30 8.79 28.51 22.74
CA SER A 30 8.16 28.83 24.02
C SER A 30 7.49 27.59 24.63
N NH2 A 31 7.99 27.14 25.77
HN1 NH2 A 31 7.58 26.34 26.17
HN2 NH2 A 31 8.75 27.62 26.16
N GLY A 1 -13.40 -3.46 7.57
CA GLY A 1 -12.19 -4.33 7.53
C GLY A 1 -10.96 -3.61 7.04
N TRP A 2 -10.66 -2.47 7.69
CA TRP A 2 -9.50 -1.66 7.34
C TRP A 2 -8.35 -1.89 8.28
N THR A 3 -7.23 -1.29 7.90
CA THR A 3 -6.01 -1.31 8.67
C THR A 3 -5.15 -0.16 8.22
N LEU A 4 -5.19 0.12 6.89
CA LEU A 4 -4.38 1.17 6.23
C LEU A 4 -3.77 2.15 7.24
N ASN A 5 -4.62 2.81 8.03
CA ASN A 5 -4.18 3.76 9.06
C ASN A 5 -3.73 3.02 10.34
N SER A 6 -4.69 2.30 10.95
CA SER A 6 -4.46 1.56 12.20
C SER A 6 -3.34 0.51 12.11
N ALA A 7 -3.64 -0.64 11.49
CA ALA A 7 -2.66 -1.73 11.35
C ALA A 7 -2.08 -1.88 9.94
N GLY A 8 -2.51 -1.00 9.01
CA GLY A 8 -2.05 -1.08 7.63
C GLY A 8 -0.89 -0.15 7.31
N TYR A 9 -0.51 0.67 8.29
CA TYR A 9 0.63 1.63 8.19
C TYR A 9 1.90 0.99 7.59
N LEU A 10 2.14 -0.27 7.96
CA LEU A 10 3.29 -1.04 7.49
C LEU A 10 2.91 -1.93 6.31
N LEU A 11 1.61 -2.28 6.27
CA LEU A 11 1.04 -3.16 5.25
C LEU A 11 0.73 -2.41 3.94
N GLY A 12 0.93 -1.09 3.95
CA GLY A 12 0.68 -0.27 2.76
C GLY A 12 1.88 0.58 2.38
N PRO A 13 3.01 -0.03 1.92
CA PRO A 13 4.23 0.71 1.53
C PRO A 13 4.12 1.38 0.14
N HIS A 14 2.96 1.21 -0.50
CA HIS A 14 2.71 1.79 -1.82
C HIS A 14 1.93 3.11 -1.72
N ALA A 15 2.41 4.12 -2.45
CA ALA A 15 1.77 5.44 -2.46
C ALA A 15 1.47 5.91 -3.88
N VAL A 16 2.36 5.55 -4.82
CA VAL A 16 2.21 5.96 -6.23
C VAL A 16 0.94 5.38 -6.87
N GLY A 17 0.08 6.29 -7.31
CA GLY A 17 -1.18 5.90 -7.94
C GLY A 17 -2.39 6.20 -7.07
N ASN A 18 -2.22 6.07 -5.75
CA ASN A 18 -3.30 6.33 -4.79
C ASN A 18 -3.29 7.78 -4.30
N HIS A 19 -2.10 8.31 -4.04
CA HIS A 19 -1.94 9.70 -3.57
C HIS A 19 -1.21 10.55 -4.62
N ARG A 20 -1.84 11.65 -5.01
CA ARG A 20 -1.27 12.56 -6.00
C ARG A 20 -1.39 14.01 -5.53
N SER A 21 -0.39 14.82 -5.90
CA SER A 21 -0.36 16.24 -5.53
C SER A 21 -0.77 17.13 -6.71
N PHE A 22 -1.05 18.41 -6.42
CA PHE A 22 -1.47 19.37 -7.43
C PHE A 22 -0.34 20.36 -7.77
N SER A 23 -0.01 21.26 -6.83
CA SER A 23 1.03 22.27 -7.03
C SER A 23 2.38 21.80 -6.45
N ASP A 24 2.34 20.69 -5.69
CA ASP A 24 3.55 20.13 -5.07
C ASP A 24 4.24 19.12 -5.99
N LYS A 25 3.63 18.85 -7.16
CA LYS A 25 4.19 17.89 -8.13
C LYS A 25 5.05 18.61 -9.18
N ASN A 26 6.32 18.18 -9.28
CA ASN A 26 7.27 18.77 -10.23
C ASN A 26 7.96 17.68 -11.05
N GLY A 27 8.38 16.60 -10.37
CA GLY A 27 9.06 15.50 -11.03
C GLY A 27 10.55 15.47 -10.74
N LEU A 28 11.34 15.20 -11.78
CA LEU A 28 12.80 15.14 -11.65
C LEU A 28 13.46 16.02 -12.71
N THR A 29 14.44 16.82 -12.27
CA THR A 29 15.16 17.73 -13.16
C THR A 29 16.65 17.72 -12.85
N SER A 30 17.48 17.68 -13.90
CA SER A 30 18.93 17.67 -13.76
C SER A 30 19.58 18.79 -14.59
N NH2 A 31 19.21 18.86 -15.87
HN1 NH2 A 31 19.61 19.56 -16.42
HN2 NH2 A 31 18.56 18.21 -16.20
N GLY A 1 -11.83 -5.60 7.23
CA GLY A 1 -12.28 -4.19 7.05
C GLY A 1 -11.15 -3.28 6.58
N TRP A 2 -10.52 -2.60 7.54
CA TRP A 2 -9.40 -1.68 7.24
C TRP A 2 -8.24 -1.90 8.17
N THR A 3 -7.14 -1.28 7.78
CA THR A 3 -5.91 -1.28 8.53
C THR A 3 -5.11 -0.07 8.16
N LEU A 4 -5.20 0.32 6.86
CA LEU A 4 -4.44 1.44 6.27
C LEU A 4 -3.84 2.37 7.34
N ASN A 5 -4.70 2.91 8.21
CA ASN A 5 -4.26 3.77 9.31
C ASN A 5 -3.73 2.91 10.47
N SER A 6 -4.65 2.14 11.08
CA SER A 6 -4.37 1.28 12.23
C SER A 6 -3.21 0.29 11.98
N ALA A 7 -3.47 -0.80 11.26
CA ALA A 7 -2.46 -1.83 10.98
C ALA A 7 -1.94 -1.80 9.53
N GLY A 8 -2.44 -0.89 8.71
CA GLY A 8 -2.03 -0.83 7.30
C GLY A 8 -0.94 0.18 7.03
N TYR A 9 -0.49 0.85 8.09
CA TYR A 9 0.59 1.86 8.01
C TYR A 9 1.94 1.23 7.66
N LEU A 10 1.98 -0.11 7.69
CA LEU A 10 3.17 -0.91 7.38
C LEU A 10 2.77 -2.12 6.52
N LEU A 11 1.52 -2.56 6.73
CA LEU A 11 0.95 -3.71 6.06
C LEU A 11 0.23 -3.30 4.77
N GLY A 12 0.50 -4.05 3.70
CA GLY A 12 -0.10 -3.77 2.40
C GLY A 12 -0.42 -5.04 1.61
N PRO A 13 -1.58 -5.73 1.89
CA PRO A 13 -1.95 -6.97 1.18
C PRO A 13 -2.50 -6.72 -0.23
N HIS A 14 -2.55 -5.44 -0.63
CA HIS A 14 -3.04 -5.05 -1.96
C HIS A 14 -1.89 -4.78 -2.91
N ALA A 15 -2.12 -5.03 -4.20
CA ALA A 15 -1.10 -4.82 -5.23
C ALA A 15 -1.34 -3.50 -5.96
N VAL A 16 -0.27 -2.70 -6.07
CA VAL A 16 -0.32 -1.39 -6.75
C VAL A 16 -0.07 -1.52 -8.25
N GLY A 17 -1.00 -1.01 -9.04
CA GLY A 17 -0.89 -1.08 -10.50
C GLY A 17 -1.83 -2.09 -11.12
N ASN A 18 -2.06 -3.20 -10.40
CA ASN A 18 -2.95 -4.27 -10.88
C ASN A 18 -4.16 -4.43 -9.95
N HIS A 19 -5.35 -4.41 -10.55
CA HIS A 19 -6.60 -4.55 -9.79
C HIS A 19 -7.51 -5.59 -10.45
N ARG A 20 -7.98 -6.55 -9.64
CA ARG A 20 -8.86 -7.62 -10.12
C ARG A 20 -10.06 -7.77 -9.20
N SER A 21 -11.26 -7.79 -9.81
CA SER A 21 -12.51 -7.94 -9.05
C SER A 21 -13.38 -9.06 -9.62
N PHE A 22 -13.00 -9.58 -10.79
CA PHE A 22 -13.73 -10.65 -11.45
C PHE A 22 -12.77 -11.76 -11.92
N SER A 23 -13.17 -13.02 -11.70
CA SER A 23 -12.34 -14.15 -12.11
C SER A 23 -12.79 -14.71 -13.46
N ASP A 24 -12.81 -13.81 -14.45
CA ASP A 24 -13.19 -14.15 -15.82
C ASP A 24 -12.16 -13.62 -16.82
N LYS A 25 -11.37 -12.61 -16.37
CA LYS A 25 -10.31 -11.96 -17.19
C LYS A 25 -10.90 -11.26 -18.42
N ASN A 26 -10.60 -9.96 -18.55
CA ASN A 26 -11.08 -9.16 -19.68
C ASN A 26 -9.92 -8.39 -20.32
N GLY A 27 -9.95 -8.32 -21.65
CA GLY A 27 -8.91 -7.62 -22.40
C GLY A 27 -8.73 -8.18 -23.79
N LEU A 28 -9.70 -7.90 -24.67
CA LEU A 28 -9.66 -8.37 -26.05
C LEU A 28 -9.20 -7.27 -27.00
N THR A 29 -8.48 -7.65 -28.06
CA THR A 29 -7.97 -6.71 -29.04
C THR A 29 -8.16 -7.23 -30.47
N SER A 30 -7.82 -8.51 -30.68
CA SER A 30 -7.94 -9.15 -31.99
C SER A 30 -9.20 -10.02 -32.05
N NH2 A 31 -10.13 -9.64 -32.93
HN1 NH2 A 31 -10.95 -10.17 -32.98
HN2 NH2 A 31 -9.95 -8.85 -33.48
N GLY A 1 -12.05 -4.74 8.83
CA GLY A 1 -12.09 -4.42 7.38
C GLY A 1 -10.86 -3.67 6.92
N TRP A 2 -10.58 -2.54 7.59
CA TRP A 2 -9.43 -1.70 7.25
C TRP A 2 -8.29 -1.93 8.20
N THR A 3 -7.18 -1.32 7.84
CA THR A 3 -5.96 -1.32 8.61
C THR A 3 -5.12 -0.15 8.20
N LEU A 4 -5.15 0.15 6.88
CA LEU A 4 -4.35 1.23 6.24
C LEU A 4 -3.76 2.20 7.26
N ASN A 5 -4.63 2.83 8.06
CA ASN A 5 -4.20 3.76 9.11
C ASN A 5 -3.74 3.00 10.36
N SER A 6 -4.70 2.28 10.98
CA SER A 6 -4.48 1.52 12.22
C SER A 6 -3.34 0.48 12.10
N ALA A 7 -3.61 -0.66 11.46
CA ALA A 7 -2.62 -1.74 11.31
C ALA A 7 -2.04 -1.84 9.89
N GLY A 8 -2.49 -0.97 8.97
CA GLY A 8 -2.02 -1.02 7.59
C GLY A 8 -0.90 -0.05 7.28
N TYR A 9 -0.49 0.70 8.30
CA TYR A 9 0.61 1.69 8.20
C TYR A 9 1.91 1.07 7.63
N LEU A 10 2.09 -0.24 7.89
CA LEU A 10 3.25 -1.01 7.43
C LEU A 10 2.85 -1.97 6.30
N LEU A 11 1.56 -2.36 6.33
CA LEU A 11 0.99 -3.30 5.37
C LEU A 11 0.58 -2.61 4.07
N GLY A 12 1.03 -3.15 2.94
CA GLY A 12 0.71 -2.59 1.64
C GLY A 12 1.90 -2.58 0.68
N PRO A 13 1.90 -1.72 -0.38
CA PRO A 13 3.01 -1.64 -1.35
C PRO A 13 4.24 -0.91 -0.80
N HIS A 14 5.39 -1.16 -1.41
CA HIS A 14 6.65 -0.53 -1.00
C HIS A 14 6.99 0.68 -1.87
N ALA A 15 6.90 0.50 -3.19
CA ALA A 15 7.19 1.57 -4.15
C ALA A 15 6.10 1.69 -5.21
N VAL A 16 5.58 0.55 -5.67
CA VAL A 16 4.55 0.52 -6.70
C VAL A 16 3.22 1.09 -6.20
N GLY A 17 2.80 2.17 -6.83
CA GLY A 17 1.56 2.84 -6.48
C GLY A 17 1.77 4.17 -5.79
N ASN A 18 2.73 4.19 -4.85
CA ASN A 18 3.05 5.41 -4.09
C ASN A 18 4.22 6.16 -4.72
N HIS A 19 4.14 7.50 -4.69
CA HIS A 19 5.18 8.36 -5.26
C HIS A 19 5.82 9.25 -4.19
N ARG A 20 4.98 9.80 -3.31
CA ARG A 20 5.43 10.68 -2.23
C ARG A 20 5.63 9.90 -0.93
N SER A 21 6.63 10.31 -0.15
CA SER A 21 6.95 9.67 1.12
C SER A 21 6.41 10.48 2.30
N PHE A 22 6.40 9.86 3.49
CA PHE A 22 5.91 10.51 4.71
C PHE A 22 7.06 11.16 5.51
N SER A 23 7.90 10.34 6.14
CA SER A 23 9.02 10.83 6.95
C SER A 23 10.32 10.90 6.13
N ASP A 24 10.29 10.32 4.92
CA ASP A 24 11.45 10.30 4.03
C ASP A 24 11.53 11.58 3.17
N LYS A 25 10.42 12.33 3.12
CA LYS A 25 10.36 13.57 2.33
C LYS A 25 9.74 14.72 3.15
N ASN A 26 8.66 14.41 3.88
CA ASN A 26 7.97 15.40 4.70
C ASN A 26 8.39 15.30 6.17
N GLY A 27 8.38 16.45 6.86
CA GLY A 27 8.77 16.49 8.26
C GLY A 27 7.57 16.62 9.19
N LEU A 28 7.66 15.98 10.36
CA LEU A 28 6.59 16.01 11.35
C LEU A 28 6.91 17.01 12.46
N THR A 29 5.88 17.70 12.94
CA THR A 29 6.03 18.70 14.00
C THR A 29 5.63 18.12 15.36
N SER A 30 4.48 17.42 15.40
CA SER A 30 3.98 16.82 16.62
C SER A 30 4.27 15.32 16.66
N NH2 A 31 5.10 14.90 17.61
HN1 NH2 A 31 5.33 13.95 17.65
HN2 NH2 A 31 5.46 15.57 18.23
N GLY A 1 -11.41 -6.13 7.35
CA GLY A 1 -11.79 -4.71 7.16
C GLY A 1 -10.63 -3.84 6.73
N TRP A 2 -10.43 -2.74 7.46
CA TRP A 2 -9.34 -1.80 7.18
C TRP A 2 -8.18 -2.00 8.12
N THR A 3 -7.10 -1.34 7.76
CA THR A 3 -5.88 -1.31 8.53
C THR A 3 -5.09 -0.09 8.15
N LEU A 4 -5.17 0.30 6.85
CA LEU A 4 -4.43 1.44 6.27
C LEU A 4 -3.86 2.38 7.35
N ASN A 5 -4.74 2.90 8.20
CA ASN A 5 -4.34 3.76 9.31
C ASN A 5 -3.80 2.91 10.48
N SER A 6 -4.71 2.12 11.07
CA SER A 6 -4.42 1.26 12.22
C SER A 6 -3.21 0.32 11.97
N ALA A 7 -3.44 -0.80 11.25
CA ALA A 7 -2.37 -1.77 10.97
C ALA A 7 -1.86 -1.72 9.52
N GLY A 8 -2.41 -0.83 8.69
CA GLY A 8 -2.01 -0.75 7.28
C GLY A 8 -0.91 0.25 7.03
N TYR A 9 -0.45 0.90 8.11
CA TYR A 9 0.64 1.88 8.05
C TYR A 9 2.00 1.20 7.71
N LEU A 10 1.98 -0.14 7.72
CA LEU A 10 3.14 -0.98 7.41
C LEU A 10 2.72 -2.19 6.56
N LEU A 11 1.45 -2.60 6.74
CA LEU A 11 0.87 -3.73 6.03
C LEU A 11 0.26 -3.31 4.71
N GLY A 12 0.56 -4.07 3.65
CA GLY A 12 0.04 -3.78 2.33
C GLY A 12 -0.22 -5.03 1.50
N PRO A 13 -1.21 -5.89 1.88
CA PRO A 13 -1.54 -7.13 1.13
C PRO A 13 -2.34 -6.87 -0.15
N HIS A 14 -2.65 -5.60 -0.41
CA HIS A 14 -3.41 -5.21 -1.59
C HIS A 14 -2.59 -4.29 -2.50
N ALA A 15 -2.96 -4.26 -3.79
CA ALA A 15 -2.26 -3.43 -4.77
C ALA A 15 -3.24 -2.57 -5.58
N VAL A 16 -4.51 -3.00 -5.64
CA VAL A 16 -5.57 -2.29 -6.38
C VAL A 16 -6.03 -1.01 -5.67
N GLY A 17 -6.23 -1.15 -4.37
CA GLY A 17 -6.67 -0.04 -3.53
C GLY A 17 -5.52 0.78 -2.97
N ASN A 18 -4.55 1.11 -3.84
CA ASN A 18 -3.37 1.89 -3.45
C ASN A 18 -3.22 3.13 -4.33
N HIS A 19 -3.49 2.98 -5.64
CA HIS A 19 -3.39 4.07 -6.60
C HIS A 19 -4.75 4.74 -6.82
N ARG A 20 -4.78 6.06 -6.71
CA ARG A 20 -6.00 6.85 -6.89
C ARG A 20 -5.78 7.97 -7.89
N SER A 21 -6.84 8.29 -8.65
CA SER A 21 -6.78 9.35 -9.66
C SER A 21 -7.75 10.49 -9.32
N PHE A 22 -7.57 11.64 -9.98
CA PHE A 22 -8.41 12.82 -9.76
C PHE A 22 -9.69 12.76 -10.61
N SER A 23 -10.75 13.38 -10.11
CA SER A 23 -12.04 13.38 -10.82
C SER A 23 -12.19 14.62 -11.72
N ASP A 24 -11.43 14.60 -12.82
CA ASP A 24 -11.46 15.66 -13.83
C ASP A 24 -11.33 15.07 -15.22
N LYS A 25 -10.69 13.88 -15.29
CA LYS A 25 -10.50 13.18 -16.56
C LYS A 25 -10.83 11.70 -16.42
N ASN A 26 -11.37 11.11 -17.49
CA ASN A 26 -11.74 9.69 -17.50
C ASN A 26 -10.69 8.86 -18.23
N GLY A 27 -10.27 7.77 -17.59
CA GLY A 27 -9.27 6.89 -18.17
C GLY A 27 -9.83 5.53 -18.53
N LEU A 28 -9.56 5.08 -19.76
CA LEU A 28 -10.04 3.80 -20.25
C LEU A 28 -8.93 2.75 -20.19
N THR A 29 -9.30 1.52 -19.81
CA THR A 29 -8.35 0.41 -19.71
C THR A 29 -8.42 -0.49 -20.94
N SER A 30 -9.65 -0.84 -21.35
CA SER A 30 -9.86 -1.71 -22.52
C SER A 30 -10.23 -0.87 -23.75
N NH2 A 31 -11.22 0.01 -23.60
HN1 NH2 A 31 -11.47 0.54 -24.38
HN2 NH2 A 31 -11.66 0.08 -22.73
N GLY A 1 -11.83 -5.35 8.56
CA GLY A 1 -12.13 -4.40 7.45
C GLY A 1 -10.90 -3.65 6.98
N TRP A 2 -10.61 -2.52 7.64
CA TRP A 2 -9.45 -1.69 7.29
C TRP A 2 -8.31 -1.91 8.24
N THR A 3 -7.20 -1.31 7.87
CA THR A 3 -5.98 -1.32 8.63
C THR A 3 -5.14 -0.15 8.21
N LEU A 4 -5.17 0.15 6.88
CA LEU A 4 -4.37 1.21 6.24
C LEU A 4 -3.76 2.19 7.26
N ASN A 5 -4.63 2.82 8.05
CA ASN A 5 -4.19 3.76 9.09
C ASN A 5 -3.74 3.00 10.35
N SER A 6 -4.70 2.29 10.97
CA SER A 6 -4.46 1.54 12.21
C SER A 6 -3.33 0.49 12.10
N ALA A 7 -3.63 -0.66 11.47
CA ALA A 7 -2.64 -1.74 11.32
C ALA A 7 -2.07 -1.85 9.90
N GLY A 8 -2.49 -0.98 8.99
CA GLY A 8 -2.04 -1.04 7.60
C GLY A 8 -0.89 -0.08 7.29
N TYR A 9 -0.49 0.69 8.30
CA TYR A 9 0.63 1.67 8.20
C TYR A 9 1.91 1.03 7.62
N LEU A 10 2.10 -0.25 7.92
CA LEU A 10 3.27 -1.02 7.45
C LEU A 10 2.87 -1.96 6.31
N LEU A 11 1.59 -2.34 6.31
CA LEU A 11 1.01 -3.26 5.32
C LEU A 11 0.65 -2.54 4.01
N GLY A 12 1.14 -3.09 2.90
CA GLY A 12 0.87 -2.51 1.59
C GLY A 12 2.05 -2.69 0.63
N PRO A 13 2.19 -3.87 -0.05
CA PRO A 13 3.29 -4.13 -1.00
C PRO A 13 3.12 -3.41 -2.35
N HIS A 14 2.00 -2.69 -2.51
CA HIS A 14 1.71 -1.95 -3.73
C HIS A 14 1.30 -0.51 -3.42
N ALA A 15 2.16 0.44 -3.82
CA ALA A 15 1.90 1.87 -3.60
C ALA A 15 2.29 2.70 -4.82
N VAL A 16 3.44 2.37 -5.42
CA VAL A 16 3.95 3.08 -6.60
C VAL A 16 3.27 2.63 -7.89
N GLY A 17 3.17 1.32 -8.03
CA GLY A 17 2.53 0.72 -9.19
C GLY A 17 1.08 0.37 -8.96
N ASN A 18 0.36 1.27 -8.26
CA ASN A 18 -1.06 1.08 -7.95
C ASN A 18 -1.93 1.88 -8.91
N HIS A 19 -2.87 1.18 -9.56
CA HIS A 19 -3.78 1.80 -10.52
C HIS A 19 -5.23 1.40 -10.25
N ARG A 20 -6.10 2.39 -10.07
CA ARG A 20 -7.52 2.16 -9.81
C ARG A 20 -8.38 3.09 -10.67
N SER A 21 -9.34 2.50 -11.38
CA SER A 21 -10.25 3.24 -12.25
C SER A 21 -11.71 2.89 -11.97
N PHE A 22 -12.62 3.76 -12.41
CA PHE A 22 -14.06 3.55 -12.22
C PHE A 22 -14.73 2.99 -13.48
N SER A 23 -14.80 3.80 -14.54
CA SER A 23 -15.42 3.40 -15.81
C SER A 23 -14.38 2.86 -16.80
N ASP A 24 -13.11 3.18 -16.54
CA ASP A 24 -11.99 2.74 -17.39
C ASP A 24 -11.47 1.36 -16.95
N LYS A 25 -12.12 0.77 -15.93
CA LYS A 25 -11.74 -0.54 -15.41
C LYS A 25 -12.58 -1.64 -16.06
N ASN A 26 -11.89 -2.66 -16.59
CA ASN A 26 -12.56 -3.79 -17.23
C ASN A 26 -12.48 -5.04 -16.36
N GLY A 27 -13.53 -5.87 -16.45
CA GLY A 27 -13.60 -7.11 -15.68
C GLY A 27 -14.99 -7.68 -15.62
N LEU A 28 -15.59 -7.92 -16.79
CA LEU A 28 -16.93 -8.48 -16.90
C LEU A 28 -16.90 -9.93 -17.36
N THR A 29 -16.04 -10.23 -18.35
CA THR A 29 -15.90 -11.58 -18.88
C THR A 29 -14.61 -12.23 -18.40
N SER A 30 -14.67 -13.53 -18.12
CA SER A 30 -13.51 -14.29 -17.65
C SER A 30 -13.30 -15.54 -18.51
N NH2 A 31 -12.17 -15.59 -19.20
HN1 NH2 A 31 -12.01 -16.37 -19.76
HN2 NH2 A 31 -11.55 -14.84 -19.12
N GLY A 1 -13.47 -3.94 6.81
CA GLY A 1 -12.25 -4.29 7.58
C GLY A 1 -11.00 -3.57 7.09
N TRP A 2 -10.68 -2.44 7.72
CA TRP A 2 -9.52 -1.65 7.36
C TRP A 2 -8.36 -1.89 8.30
N THR A 3 -7.25 -1.30 7.91
CA THR A 3 -6.02 -1.31 8.67
C THR A 3 -5.15 -0.17 8.22
N LEU A 4 -5.20 0.11 6.89
CA LEU A 4 -4.38 1.15 6.23
C LEU A 4 -3.75 2.13 7.22
N ASN A 5 -4.61 2.80 8.01
CA ASN A 5 -4.15 3.74 9.04
C ASN A 5 -3.71 3.03 10.32
N SER A 6 -4.67 2.31 10.95
CA SER A 6 -4.44 1.59 12.20
C SER A 6 -3.34 0.52 12.11
N ALA A 7 -3.65 -0.63 11.50
CA ALA A 7 -2.70 -1.74 11.38
C ALA A 7 -2.12 -1.90 9.97
N GLY A 8 -2.52 -1.02 9.04
CA GLY A 8 -2.05 -1.12 7.65
C GLY A 8 -0.89 -0.19 7.33
N TYR A 9 -0.50 0.65 8.31
CA TYR A 9 0.61 1.61 8.20
C TYR A 9 1.89 0.98 7.59
N LEU A 10 2.15 -0.27 7.96
CA LEU A 10 3.30 -1.04 7.49
C LEU A 10 2.92 -1.89 6.27
N LEU A 11 1.64 -2.25 6.25
CA LEU A 11 1.03 -3.09 5.22
C LEU A 11 0.72 -2.31 3.94
N GLY A 12 0.61 -3.03 2.82
CA GLY A 12 0.31 -2.41 1.54
C GLY A 12 -0.16 -3.41 0.49
N PRO A 13 -0.39 -2.99 -0.78
CA PRO A 13 -0.84 -3.88 -1.88
C PRO A 13 0.26 -4.78 -2.43
N HIS A 14 1.48 -4.60 -1.90
CA HIS A 14 2.65 -5.38 -2.34
C HIS A 14 3.42 -5.92 -1.14
N ALA A 15 3.71 -7.23 -1.18
CA ALA A 15 4.45 -7.89 -0.10
C ALA A 15 5.66 -8.63 -0.64
N VAL A 16 6.80 -8.48 0.04
CA VAL A 16 8.06 -9.12 -0.36
C VAL A 16 8.12 -10.59 0.04
N GLY A 17 7.66 -10.85 1.25
CA GLY A 17 7.65 -12.21 1.80
C GLY A 17 6.51 -13.08 1.29
N ASN A 18 5.43 -12.44 0.81
CA ASN A 18 4.27 -13.17 0.28
C ASN A 18 3.74 -12.51 -1.00
N HIS A 19 3.20 -13.34 -1.90
CA HIS A 19 2.66 -12.86 -3.17
C HIS A 19 1.14 -12.78 -3.11
N ARG A 20 0.60 -11.63 -3.53
CA ARG A 20 -0.84 -11.40 -3.53
C ARG A 20 -1.36 -11.22 -4.96
N SER A 21 -2.55 -11.77 -5.22
CA SER A 21 -3.19 -11.70 -6.54
C SER A 21 -4.27 -10.62 -6.56
N PHE A 22 -4.73 -10.26 -7.77
CA PHE A 22 -5.76 -9.24 -7.95
C PHE A 22 -7.12 -9.87 -8.30
N SER A 23 -7.24 -10.42 -9.51
CA SER A 23 -8.48 -11.06 -9.98
C SER A 23 -8.47 -12.56 -9.74
N ASP A 24 -7.30 -13.10 -9.36
CA ASP A 24 -7.14 -14.53 -9.11
C ASP A 24 -7.38 -14.88 -7.63
N LYS A 25 -7.67 -13.85 -6.81
CA LYS A 25 -7.92 -14.04 -5.37
C LYS A 25 -9.42 -14.19 -5.10
N ASN A 26 -9.78 -15.26 -4.39
CA ASN A 26 -11.18 -15.55 -4.04
C ASN A 26 -11.49 -15.11 -2.61
N GLY A 27 -10.56 -15.41 -1.68
CA GLY A 27 -10.75 -15.04 -0.28
C GLY A 27 -11.17 -16.21 0.58
N LEU A 28 -10.71 -16.23 1.83
CA LEU A 28 -11.03 -17.29 2.78
C LEU A 28 -12.13 -16.87 3.74
N THR A 29 -13.02 -17.80 4.07
CA THR A 29 -14.13 -17.54 4.98
C THR A 29 -14.34 -18.69 5.96
N SER A 30 -14.32 -19.92 5.44
CA SER A 30 -14.50 -21.13 6.25
C SER A 30 -13.16 -21.78 6.55
N NH2 A 31 -12.79 -21.83 7.82
HN1 NH2 A 31 -11.93 -22.24 8.05
HN2 NH2 A 31 -13.40 -21.45 8.49
#